data_1RKW
#
_entry.id   1RKW
#
_cell.length_a   172.050
_cell.length_b   172.050
_cell.length_c   94.430
_cell.angle_alpha   90.00
_cell.angle_beta   90.00
_cell.angle_gamma   90.00
#
_symmetry.space_group_name_H-M   'P 42 21 2'
#
loop_
_entity.id
_entity.type
_entity.pdbx_description
1 polymer 'Transcriptional regulator qacR'
2 non-polymer 'SULFATE ION'
3 non-polymer 1,5-BIS(4-AMIDINOPHENOXY)PENTANE
4 water water
#
_entity_poly.entity_id   1
_entity_poly.type   'polypeptide(L)'
_entity_poly.pdbx_seq_one_letter_code
;MNLKDKILGVAKELFIKNGYNATTTGEIVKLSESSKGNLYYHFKTKENLFLEILNIEESKWQEQWKKEQIKAKTNREKFY
LYNELSLTTEYYYPLQNAIIEFYTEYYKTNSINEKMNKLENKYIDAYHVIFKEGNLNGEWSINDVNAVSKIAANAVNGIV
TFTHEQNINERIKLMNKFSQIFLNGLSKHHHHHH
;
_entity_poly.pdbx_strand_id   B,D,A,E
#
# COMPACT_ATOMS: atom_id res chain seq x y z
N ASN A 2 -32.25 -25.31 33.05
CA ASN A 2 -33.43 -24.85 32.25
C ASN A 2 -33.08 -25.00 30.75
N LEU A 3 -34.01 -24.62 29.87
CA LEU A 3 -33.77 -24.70 28.42
C LEU A 3 -33.94 -23.34 27.76
N LYS A 4 -35.15 -22.77 27.87
CA LYS A 4 -35.45 -21.46 27.29
C LYS A 4 -34.47 -20.47 27.89
N ASP A 5 -34.04 -20.72 29.13
CA ASP A 5 -33.09 -19.86 29.80
C ASP A 5 -31.65 -20.38 29.67
N LYS A 6 -31.46 -21.50 28.99
CA LYS A 6 -30.12 -22.05 28.81
C LYS A 6 -29.60 -21.67 27.44
N ILE A 7 -30.53 -21.43 26.52
CA ILE A 7 -30.20 -21.01 25.16
C ILE A 7 -29.69 -19.59 25.31
N LEU A 8 -30.51 -18.76 25.96
CA LEU A 8 -30.17 -17.37 26.20
C LEU A 8 -28.72 -17.34 26.64
N GLY A 9 -28.44 -18.06 27.71
CA GLY A 9 -27.09 -18.11 28.24
C GLY A 9 -25.98 -18.48 27.27
N VAL A 10 -26.26 -19.37 26.32
CA VAL A 10 -25.25 -19.79 25.36
C VAL A 10 -25.05 -18.76 24.26
N ALA A 11 -26.15 -18.17 23.81
CA ALA A 11 -26.12 -17.18 22.76
C ALA A 11 -25.36 -15.95 23.27
N LYS A 12 -25.72 -15.51 24.47
CA LYS A 12 -25.08 -14.37 25.12
C LYS A 12 -23.58 -14.52 24.97
N GLU A 13 -23.10 -15.70 25.36
CA GLU A 13 -21.68 -16.03 25.30
C GLU A 13 -21.08 -15.85 23.92
N LEU A 14 -21.73 -16.44 22.92
CA LEU A 14 -21.25 -16.32 21.55
C LEU A 14 -21.32 -14.87 21.06
N PHE A 15 -22.49 -14.24 21.19
CA PHE A 15 -22.66 -12.87 20.76
C PHE A 15 -21.52 -11.98 21.26
N ILE A 16 -21.03 -12.27 22.47
CA ILE A 16 -19.94 -11.50 23.06
C ILE A 16 -18.63 -12.05 22.53
N LYS A 17 -18.39 -13.32 22.86
CA LYS A 17 -17.18 -14.03 22.44
C LYS A 17 -16.95 -13.96 20.94
N ASN A 18 -17.93 -13.47 20.20
CA ASN A 18 -17.85 -13.31 18.75
C ASN A 18 -18.57 -12.02 18.40
N GLY A 19 -19.68 -12.10 17.68
CA GLY A 19 -20.39 -10.88 17.35
C GLY A 19 -21.80 -11.20 16.90
N TYR A 20 -22.54 -10.21 16.39
CA TYR A 20 -23.89 -10.50 15.94
C TYR A 20 -23.82 -11.37 14.68
N ASN A 21 -23.24 -10.79 13.63
CA ASN A 21 -23.09 -11.50 12.37
C ASN A 21 -22.40 -12.83 12.63
N ALA A 22 -21.27 -12.77 13.32
CA ALA A 22 -20.51 -13.96 13.67
C ALA A 22 -21.43 -15.11 14.12
N THR A 23 -21.42 -15.42 15.43
CA THR A 23 -22.24 -16.50 16.01
C THR A 23 -23.54 -16.74 15.25
N THR A 24 -23.86 -18.02 15.06
CA THR A 24 -25.06 -18.38 14.30
C THR A 24 -26.01 -19.36 14.96
N THR A 25 -27.28 -19.26 14.59
CA THR A 25 -28.32 -20.13 15.12
C THR A 25 -27.91 -21.58 15.00
N GLY A 26 -27.01 -21.87 14.06
CA GLY A 26 -26.53 -23.22 13.90
C GLY A 26 -25.67 -23.53 15.10
N GLU A 27 -24.72 -22.66 15.36
CA GLU A 27 -23.82 -22.84 16.49
C GLU A 27 -24.55 -22.79 17.84
N ILE A 28 -25.51 -21.86 17.96
CA ILE A 28 -26.27 -21.72 19.20
C ILE A 28 -26.83 -23.08 19.58
N VAL A 29 -27.41 -23.73 18.59
CA VAL A 29 -28.03 -25.04 18.78
C VAL A 29 -27.04 -26.18 19.03
N LYS A 30 -25.95 -26.20 18.26
CA LYS A 30 -24.96 -27.27 18.38
C LYS A 30 -24.10 -27.23 19.64
N LEU A 31 -24.10 -26.11 20.33
CA LEU A 31 -23.33 -25.96 21.57
C LEU A 31 -24.28 -25.99 22.76
N SER A 32 -25.56 -25.85 22.46
CA SER A 32 -26.60 -25.84 23.48
C SER A 32 -27.41 -27.13 23.51
N GLU A 33 -27.80 -27.61 22.32
CA GLU A 33 -28.62 -28.84 22.13
C GLU A 33 -30.13 -28.56 22.22
N SER A 34 -30.74 -28.34 21.06
CA SER A 34 -32.18 -28.08 20.92
C SER A 34 -32.57 -27.91 19.44
N SER A 35 -33.75 -28.39 19.09
CA SER A 35 -34.24 -28.30 17.72
C SER A 35 -34.36 -26.83 17.30
N LYS A 36 -34.51 -26.62 16.00
CA LYS A 36 -34.64 -25.29 15.45
C LYS A 36 -35.87 -24.56 16.00
N GLY A 37 -37.05 -25.12 15.72
CA GLY A 37 -38.30 -24.51 16.17
C GLY A 37 -38.26 -23.89 17.56
N ASN A 38 -37.54 -24.52 18.47
CA ASN A 38 -37.42 -24.01 19.84
C ASN A 38 -37.35 -22.50 19.76
N LEU A 39 -36.38 -22.04 18.99
CA LEU A 39 -36.13 -20.62 18.81
C LEU A 39 -37.18 -20.00 17.87
N TYR A 40 -38.46 -20.27 18.11
CA TYR A 40 -39.51 -19.70 17.25
C TYR A 40 -40.77 -19.16 17.95
N TYR A 41 -41.10 -19.68 19.15
CA TYR A 41 -42.29 -19.24 19.90
C TYR A 41 -42.06 -17.86 20.52
N HIS A 42 -41.22 -17.83 21.56
CA HIS A 42 -40.88 -16.59 22.23
C HIS A 42 -39.78 -15.95 21.37
N PHE A 43 -38.92 -16.82 20.79
CA PHE A 43 -37.82 -16.39 19.91
C PHE A 43 -38.27 -16.34 18.44
N LYS A 44 -39.04 -15.32 18.05
CA LYS A 44 -39.47 -15.22 16.66
C LYS A 44 -38.27 -15.50 15.74
N THR A 45 -37.45 -14.48 15.54
CA THR A 45 -36.26 -14.55 14.69
C THR A 45 -34.99 -14.68 15.56
N LYS A 46 -33.81 -14.63 14.93
CA LYS A 46 -32.56 -14.69 15.68
C LYS A 46 -32.33 -13.33 16.29
N GLU A 47 -32.81 -12.30 15.61
CA GLU A 47 -32.67 -10.94 16.10
C GLU A 47 -33.65 -10.73 17.24
N ASN A 48 -34.49 -11.72 17.46
CA ASN A 48 -35.50 -11.66 18.48
C ASN A 48 -34.83 -12.25 19.72
N LEU A 49 -34.02 -13.29 19.52
CA LEU A 49 -33.26 -13.95 20.57
C LEU A 49 -32.22 -12.93 21.07
N PHE A 50 -31.74 -12.11 20.15
CA PHE A 50 -30.74 -11.13 20.47
C PHE A 50 -31.32 -9.97 21.22
N LEU A 51 -32.47 -9.45 20.78
CA LEU A 51 -33.11 -8.35 21.48
C LEU A 51 -33.56 -8.84 22.87
N GLU A 52 -33.70 -10.15 22.99
CA GLU A 52 -34.13 -10.75 24.25
C GLU A 52 -32.96 -10.62 25.21
N ILE A 53 -31.82 -11.14 24.79
CA ILE A 53 -30.62 -11.08 25.60
C ILE A 53 -30.35 -9.62 25.98
N LEU A 54 -30.62 -8.70 25.06
CA LEU A 54 -30.39 -7.31 25.35
C LEU A 54 -31.31 -6.81 26.42
N ASN A 55 -32.50 -7.41 26.48
CA ASN A 55 -33.50 -7.02 27.46
C ASN A 55 -33.09 -7.48 28.87
N ILE A 56 -32.75 -8.76 29.00
CA ILE A 56 -32.30 -9.33 30.26
C ILE A 56 -31.20 -8.42 30.86
N GLU A 57 -30.07 -8.44 30.17
CA GLU A 57 -28.84 -7.70 30.49
C GLU A 57 -29.06 -6.27 30.94
N GLU A 58 -29.91 -5.55 30.22
CA GLU A 58 -30.18 -4.17 30.58
C GLU A 58 -30.94 -4.18 31.90
N SER A 59 -31.83 -5.17 32.06
CA SER A 59 -32.60 -5.30 33.29
C SER A 59 -31.65 -5.58 34.44
N LYS A 60 -30.84 -6.64 34.28
CA LYS A 60 -29.88 -7.01 35.28
C LYS A 60 -28.93 -5.87 35.68
N TRP A 61 -28.35 -5.18 34.72
CA TRP A 61 -27.42 -4.11 35.06
C TRP A 61 -28.12 -3.00 35.83
N GLN A 62 -29.35 -2.69 35.43
CA GLN A 62 -30.10 -1.63 36.09
C GLN A 62 -30.51 -2.05 37.50
N GLU A 63 -30.72 -3.33 37.67
CA GLU A 63 -31.11 -3.86 38.96
C GLU A 63 -29.89 -3.71 39.88
N GLN A 64 -28.75 -4.25 39.45
CA GLN A 64 -27.53 -4.15 40.23
C GLN A 64 -27.20 -2.71 40.58
N TRP A 65 -27.39 -1.80 39.64
CA TRP A 65 -27.05 -0.42 39.95
C TRP A 65 -27.90 0.15 41.07
N LYS A 66 -29.17 -0.25 41.09
CA LYS A 66 -30.06 0.25 42.13
C LYS A 66 -29.66 -0.38 43.45
N LYS A 67 -29.21 -1.63 43.42
CA LYS A 67 -28.73 -2.29 44.61
C LYS A 67 -27.31 -1.77 44.97
N GLU A 68 -26.80 -0.77 44.25
CA GLU A 68 -25.46 -0.25 44.55
C GLU A 68 -25.39 1.25 44.69
N GLN A 69 -26.29 1.98 44.08
CA GLN A 69 -26.25 3.44 44.17
C GLN A 69 -26.39 3.93 45.61
N ILE A 70 -26.83 3.05 46.51
CA ILE A 70 -27.03 3.40 47.93
C ILE A 70 -25.74 3.95 48.52
N LYS A 71 -24.61 3.37 48.11
CA LYS A 71 -23.31 3.82 48.58
C LYS A 71 -22.97 5.26 48.17
N ALA A 72 -23.86 5.92 47.42
CA ALA A 72 -23.58 7.29 47.00
C ALA A 72 -24.70 8.24 47.46
N LYS A 73 -24.35 9.20 48.31
CA LYS A 73 -25.30 10.13 48.92
C LYS A 73 -25.86 11.20 47.99
N THR A 74 -24.96 12.00 47.43
CA THR A 74 -25.32 13.05 46.50
C THR A 74 -25.43 12.45 45.11
N ASN A 75 -26.27 13.06 44.26
CA ASN A 75 -26.45 12.61 42.87
C ASN A 75 -25.13 12.83 42.16
N ARG A 76 -24.43 13.91 42.52
CA ARG A 76 -23.12 14.17 41.95
C ARG A 76 -22.31 12.86 42.03
N GLU A 77 -22.31 12.26 43.22
CA GLU A 77 -21.62 11.02 43.52
C GLU A 77 -22.25 9.87 42.73
N LYS A 78 -23.56 9.90 42.55
CA LYS A 78 -24.20 8.81 41.82
C LYS A 78 -23.71 8.83 40.35
N PHE A 79 -23.44 10.04 39.84
CA PHE A 79 -22.98 10.16 38.49
C PHE A 79 -21.63 9.47 38.39
N TYR A 80 -20.68 9.86 39.26
CA TYR A 80 -19.34 9.21 39.27
C TYR A 80 -19.41 7.72 39.39
N LEU A 81 -20.19 7.27 40.35
CA LEU A 81 -20.31 5.85 40.63
C LEU A 81 -20.81 5.03 39.48
N TYR A 82 -21.92 5.46 38.90
CA TYR A 82 -22.53 4.76 37.75
C TYR A 82 -21.53 4.62 36.57
N ASN A 83 -20.77 5.68 36.31
CA ASN A 83 -19.80 5.65 35.23
C ASN A 83 -18.63 4.70 35.50
N GLU A 84 -18.20 4.58 36.75
CA GLU A 84 -17.09 3.63 37.07
C GLU A 84 -17.64 2.19 37.08
N LEU A 85 -18.82 1.96 37.65
CA LEU A 85 -19.39 0.61 37.68
C LEU A 85 -19.58 0.08 36.24
N SER A 86 -19.92 1.00 35.34
CA SER A 86 -20.10 0.65 33.93
C SER A 86 -18.86 -0.07 33.40
N LEU A 87 -17.69 0.31 33.90
CA LEU A 87 -16.46 -0.34 33.49
C LEU A 87 -16.29 -1.74 34.04
N THR A 88 -17.01 -2.08 35.11
CA THR A 88 -16.81 -3.41 35.71
C THR A 88 -17.92 -4.43 35.70
N THR A 89 -19.17 -3.99 35.62
CA THR A 89 -20.27 -4.96 35.54
C THR A 89 -19.99 -6.06 34.53
N GLU A 90 -20.75 -7.15 34.61
CA GLU A 90 -20.63 -8.23 33.66
C GLU A 90 -21.89 -8.10 32.81
N TYR A 91 -22.66 -7.06 33.10
CA TYR A 91 -23.91 -6.84 32.42
C TYR A 91 -24.00 -5.75 31.35
N TYR A 92 -24.72 -6.12 30.29
CA TYR A 92 -25.00 -5.24 29.16
C TYR A 92 -23.81 -4.71 28.36
N TYR A 93 -22.96 -3.92 29.00
CA TYR A 93 -21.83 -3.31 28.30
C TYR A 93 -20.92 -4.27 27.59
N PRO A 94 -20.87 -5.53 28.01
CA PRO A 94 -19.97 -6.41 27.26
C PRO A 94 -20.58 -6.77 25.89
N LEU A 95 -21.79 -6.31 25.64
CA LEU A 95 -22.43 -6.64 24.38
C LEU A 95 -22.45 -5.50 23.38
N GLN A 96 -21.84 -4.37 23.76
CA GLN A 96 -21.80 -3.21 22.88
C GLN A 96 -21.29 -3.46 21.45
N ASN A 97 -20.24 -4.23 21.26
CA ASN A 97 -19.75 -4.45 19.89
C ASN A 97 -20.80 -5.11 19.03
N ALA A 98 -21.32 -6.21 19.56
CA ALA A 98 -22.34 -6.97 18.88
C ALA A 98 -23.48 -6.05 18.60
N ILE A 99 -23.83 -5.21 19.56
CA ILE A 99 -24.94 -4.31 19.31
C ILE A 99 -24.64 -3.36 18.14
N ILE A 100 -23.45 -2.74 18.16
CA ILE A 100 -23.01 -1.82 17.10
C ILE A 100 -23.18 -2.49 15.73
N GLU A 101 -22.68 -3.71 15.65
CA GLU A 101 -22.72 -4.53 14.47
C GLU A 101 -24.17 -4.78 14.12
N PHE A 102 -24.92 -5.27 15.10
CA PHE A 102 -26.35 -5.55 14.91
C PHE A 102 -27.07 -4.37 14.31
N TYR A 103 -26.78 -3.18 14.79
CA TYR A 103 -27.44 -2.01 14.28
C TYR A 103 -27.01 -1.67 12.84
N THR A 104 -25.75 -1.88 12.50
CA THR A 104 -25.28 -1.56 11.15
C THR A 104 -25.80 -2.54 10.13
N GLU A 105 -26.77 -3.37 10.51
CA GLU A 105 -27.31 -4.38 9.60
C GLU A 105 -28.74 -4.73 9.97
N TYR A 106 -29.52 -3.71 10.29
CA TYR A 106 -30.91 -3.87 10.67
C TYR A 106 -31.55 -2.52 10.76
N TYR A 107 -30.74 -1.48 10.60
CA TYR A 107 -31.25 -0.10 10.62
C TYR A 107 -32.03 0.07 9.32
N LYS A 108 -31.89 -0.93 8.45
CA LYS A 108 -32.54 -0.95 7.14
C LYS A 108 -33.99 -1.45 7.27
N THR A 109 -34.33 -1.98 8.45
CA THR A 109 -35.70 -2.44 8.71
C THR A 109 -36.27 -1.39 9.68
N ASN A 110 -37.59 -1.36 9.86
CA ASN A 110 -38.17 -0.37 10.77
C ASN A 110 -38.49 -0.97 12.13
N SER A 111 -38.56 -2.28 12.19
CA SER A 111 -38.84 -2.96 13.46
C SER A 111 -37.60 -2.91 14.35
N ILE A 112 -36.48 -2.50 13.74
CA ILE A 112 -35.18 -2.40 14.42
C ILE A 112 -34.94 -0.99 15.01
N ASN A 113 -35.17 0.04 14.20
CA ASN A 113 -34.99 1.40 14.67
C ASN A 113 -36.01 1.66 15.78
N GLU A 114 -36.73 0.61 16.16
CA GLU A 114 -37.76 0.65 17.20
C GLU A 114 -37.28 0.05 18.53
N LYS A 115 -37.15 -1.28 18.57
CA LYS A 115 -36.69 -1.95 19.79
C LYS A 115 -35.36 -1.35 20.21
N MET A 116 -34.41 -1.34 19.28
CA MET A 116 -33.08 -0.78 19.49
C MET A 116 -33.17 0.69 19.96
N ASN A 117 -34.38 1.25 19.90
CA ASN A 117 -34.59 2.63 20.32
C ASN A 117 -35.46 2.64 21.58
N LYS A 118 -36.08 1.52 21.90
CA LYS A 118 -36.91 1.45 23.08
C LYS A 118 -35.98 1.05 24.24
N LEU A 119 -34.99 0.24 23.91
CA LEU A 119 -34.01 -0.19 24.89
C LEU A 119 -33.20 1.05 25.27
N GLU A 120 -33.19 2.05 24.40
CA GLU A 120 -32.46 3.30 24.67
C GLU A 120 -33.07 4.06 25.83
N ASN A 121 -34.37 3.89 26.03
CA ASN A 121 -35.06 4.58 27.11
C ASN A 121 -34.51 4.12 28.46
N LYS A 122 -34.36 2.81 28.63
CA LYS A 122 -33.80 2.26 29.87
C LYS A 122 -32.38 2.86 30.01
N TYR A 123 -31.53 2.53 29.06
CA TYR A 123 -30.15 2.99 28.94
C TYR A 123 -29.94 4.43 29.42
N ILE A 124 -30.76 5.34 28.95
CA ILE A 124 -30.59 6.73 29.35
C ILE A 124 -31.36 7.12 30.60
N ASP A 125 -32.24 6.22 31.03
CA ASP A 125 -33.04 6.50 32.20
C ASP A 125 -32.27 6.80 33.46
N ALA A 126 -31.31 5.93 33.78
CA ALA A 126 -30.47 6.11 34.95
C ALA A 126 -29.94 7.53 35.02
N TYR A 127 -29.47 8.07 33.90
CA TYR A 127 -28.95 9.42 33.90
C TYR A 127 -30.08 10.43 34.08
N HIS A 128 -31.27 10.08 33.61
CA HIS A 128 -32.39 10.99 33.74
C HIS A 128 -32.71 11.17 35.23
N VAL A 129 -32.91 10.04 35.90
CA VAL A 129 -33.20 10.09 37.32
C VAL A 129 -32.06 10.86 38.02
N ILE A 130 -30.82 10.42 37.82
CA ILE A 130 -29.71 11.09 38.44
C ILE A 130 -29.74 12.57 38.17
N PHE A 131 -29.95 12.95 36.92
CA PHE A 131 -29.90 14.36 36.59
C PHE A 131 -31.09 15.18 37.07
N LYS A 132 -32.29 14.64 36.93
CA LYS A 132 -33.48 15.37 37.37
C LYS A 132 -33.44 15.50 38.91
N GLU A 133 -33.11 14.39 39.56
CA GLU A 133 -33.03 14.34 41.03
C GLU A 133 -32.01 15.34 41.54
N GLY A 134 -30.96 15.55 40.76
CA GLY A 134 -29.91 16.48 41.13
C GLY A 134 -30.45 17.88 41.05
N ASN A 135 -31.39 18.09 40.14
CA ASN A 135 -32.01 19.40 40.00
C ASN A 135 -32.88 19.65 41.23
N LEU A 136 -33.73 18.69 41.57
CA LEU A 136 -34.59 18.77 42.75
C LEU A 136 -33.72 19.01 43.98
N ASN A 137 -32.62 18.27 44.05
CA ASN A 137 -31.69 18.37 45.17
C ASN A 137 -30.74 19.55 45.04
N GLY A 138 -31.00 20.40 44.05
CA GLY A 138 -30.17 21.57 43.83
C GLY A 138 -28.67 21.40 43.69
N GLU A 139 -28.19 20.26 43.16
CA GLU A 139 -26.74 20.10 42.99
C GLU A 139 -26.23 20.80 41.74
N TRP A 140 -27.14 21.07 40.82
CA TRP A 140 -26.80 21.75 39.56
C TRP A 140 -28.12 22.16 38.96
N SER A 141 -28.06 22.83 37.82
CA SER A 141 -29.30 23.25 37.16
C SER A 141 -29.25 23.02 35.66
N ILE A 142 -29.80 21.89 35.23
CA ILE A 142 -29.84 21.52 33.81
C ILE A 142 -31.23 21.75 33.24
N ASN A 143 -31.36 22.51 32.15
CA ASN A 143 -32.69 22.70 31.59
C ASN A 143 -33.04 21.68 30.52
N ASP A 144 -32.02 21.10 29.91
CA ASP A 144 -32.21 20.09 28.86
C ASP A 144 -31.81 18.72 29.37
N VAL A 145 -32.53 18.26 30.37
CA VAL A 145 -32.21 16.98 31.00
C VAL A 145 -32.16 15.82 30.05
N ASN A 146 -33.06 15.83 29.09
CA ASN A 146 -33.10 14.72 28.16
C ASN A 146 -31.88 14.64 27.23
N ALA A 147 -31.42 15.81 26.83
CA ALA A 147 -30.29 15.93 25.94
C ALA A 147 -29.04 15.50 26.71
N VAL A 148 -28.90 16.08 27.91
CA VAL A 148 -27.77 15.81 28.79
C VAL A 148 -27.68 14.35 29.15
N SER A 149 -28.83 13.70 29.37
CA SER A 149 -28.79 12.30 29.72
C SER A 149 -28.30 11.49 28.53
N LYS A 150 -28.79 11.82 27.33
CA LYS A 150 -28.42 11.10 26.11
C LYS A 150 -26.93 11.28 25.87
N ILE A 151 -26.47 12.52 26.06
CA ILE A 151 -25.07 12.79 25.85
C ILE A 151 -24.17 11.98 26.80
N ALA A 152 -24.47 12.01 28.11
CA ALA A 152 -23.71 11.27 29.15
C ALA A 152 -23.65 9.78 28.86
N ALA A 153 -24.81 9.19 28.67
CA ALA A 153 -24.87 7.78 28.32
C ALA A 153 -24.00 7.45 27.09
N ASN A 154 -24.09 8.23 26.01
CA ASN A 154 -23.31 7.86 24.83
C ASN A 154 -21.84 8.08 25.03
N ALA A 155 -21.51 9.21 25.65
CA ALA A 155 -20.13 9.53 25.93
C ALA A 155 -19.52 8.39 26.78
N VAL A 156 -20.17 8.07 27.89
CA VAL A 156 -19.72 7.02 28.81
C VAL A 156 -19.62 5.66 28.11
N ASN A 157 -20.63 5.30 27.34
CA ASN A 157 -20.57 3.98 26.65
C ASN A 157 -19.34 4.03 25.69
N GLY A 158 -18.93 5.25 25.29
CA GLY A 158 -17.79 5.40 24.40
C GLY A 158 -16.49 5.10 25.12
N ILE A 159 -16.36 5.68 26.32
CA ILE A 159 -15.16 5.47 27.10
C ILE A 159 -15.12 4.01 27.49
N VAL A 160 -16.25 3.44 27.86
CA VAL A 160 -16.23 2.04 28.23
C VAL A 160 -15.90 1.13 27.09
N THR A 161 -16.45 1.43 25.93
CA THR A 161 -16.27 0.58 24.77
C THR A 161 -14.99 0.72 23.95
N PHE A 162 -14.50 1.95 23.77
CA PHE A 162 -13.30 2.15 22.95
C PHE A 162 -11.96 2.27 23.68
N THR A 163 -11.93 1.88 24.94
CA THR A 163 -10.71 1.82 25.73
C THR A 163 -10.62 0.40 26.32
N HIS A 164 -11.37 -0.55 25.74
CA HIS A 164 -11.45 -1.95 26.24
C HIS A 164 -10.19 -2.82 26.11
N GLU A 165 -9.02 -2.20 26.05
CA GLU A 165 -7.78 -2.94 25.91
C GLU A 165 -6.76 -2.67 27.02
N GLN A 166 -6.59 -1.41 27.38
CA GLN A 166 -5.61 -1.07 28.41
C GLN A 166 -6.14 -1.35 29.81
N ASN A 167 -5.19 -1.41 30.72
CA ASN A 167 -5.39 -1.63 32.15
C ASN A 167 -6.66 -0.98 32.77
N ILE A 168 -7.42 -1.81 33.48
CA ILE A 168 -8.67 -1.39 34.12
C ILE A 168 -8.56 -0.21 35.08
N ASN A 169 -7.42 -0.04 35.74
CA ASN A 169 -7.31 1.07 36.69
C ASN A 169 -7.00 2.35 35.94
N GLU A 170 -6.42 2.20 34.75
CA GLU A 170 -6.16 3.40 33.97
C GLU A 170 -7.56 3.87 33.49
N ARG A 171 -8.38 2.92 33.04
CA ARG A 171 -9.73 3.21 32.57
C ARG A 171 -10.57 3.89 33.65
N ILE A 172 -10.54 3.32 34.83
CA ILE A 172 -11.33 3.88 35.91
C ILE A 172 -10.84 5.27 36.17
N LYS A 173 -9.55 5.49 35.95
CA LYS A 173 -8.99 6.80 36.20
C LYS A 173 -9.59 7.78 35.19
N LEU A 174 -9.47 7.46 33.89
CA LEU A 174 -10.00 8.31 32.85
C LEU A 174 -11.51 8.55 33.10
N MET A 175 -12.26 7.48 33.35
CA MET A 175 -13.69 7.64 33.60
C MET A 175 -13.98 8.65 34.71
N ASN A 176 -13.15 8.67 35.77
CA ASN A 176 -13.36 9.63 36.85
C ASN A 176 -13.02 11.04 36.42
N LYS A 177 -12.01 11.16 35.57
CA LYS A 177 -11.62 12.45 35.08
C LYS A 177 -12.78 12.93 34.14
N PHE A 178 -13.39 11.96 33.44
CA PHE A 178 -14.48 12.31 32.57
C PHE A 178 -15.62 12.86 33.40
N SER A 179 -16.11 12.08 34.38
CA SER A 179 -17.22 12.52 35.26
C SER A 179 -16.92 13.89 35.91
N GLN A 180 -15.68 14.08 36.26
CA GLN A 180 -15.26 15.33 36.81
C GLN A 180 -15.59 16.44 35.79
N ILE A 181 -14.89 16.44 34.66
CA ILE A 181 -15.11 17.45 33.61
C ILE A 181 -16.60 17.60 33.19
N PHE A 182 -17.28 16.50 32.94
CA PHE A 182 -18.67 16.63 32.53
C PHE A 182 -19.45 17.45 33.54
N LEU A 183 -19.61 16.92 34.76
CA LEU A 183 -20.33 17.64 35.82
C LEU A 183 -19.84 19.09 35.99
N ASN A 184 -18.54 19.33 35.91
CA ASN A 184 -18.07 20.68 36.09
C ASN A 184 -18.52 21.61 34.98
N GLY A 185 -18.99 21.02 33.88
CA GLY A 185 -19.43 21.84 32.77
C GLY A 185 -20.92 22.09 32.82
N LEU A 186 -21.62 21.35 33.67
CA LEU A 186 -23.05 21.53 33.80
C LEU A 186 -23.41 22.85 34.46
N SER A 187 -22.53 23.36 35.31
CA SER A 187 -22.82 24.64 35.96
C SER A 187 -21.63 25.60 35.87
N ASN B 2 46.33 10.23 -6.55
CA ASN B 2 45.49 10.98 -5.56
C ASN B 2 44.87 10.02 -4.54
N LEU B 3 43.65 10.32 -4.08
CA LEU B 3 42.92 9.50 -3.12
C LEU B 3 41.41 9.76 -3.24
N LYS B 4 41.06 10.79 -4.01
CA LYS B 4 39.65 11.10 -4.26
C LYS B 4 39.35 10.33 -5.53
N ASP B 5 40.39 10.20 -6.36
CA ASP B 5 40.28 9.51 -7.62
C ASP B 5 40.42 8.02 -7.43
N LYS B 6 41.03 7.64 -6.32
CA LYS B 6 41.19 6.24 -5.94
C LYS B 6 39.76 5.72 -5.70
N ILE B 7 38.99 6.51 -4.93
CA ILE B 7 37.61 6.21 -4.61
C ILE B 7 36.75 6.18 -5.86
N LEU B 8 36.73 7.27 -6.62
CA LEU B 8 35.94 7.31 -7.84
C LEU B 8 36.23 6.08 -8.69
N GLY B 9 37.51 5.73 -8.82
CA GLY B 9 37.88 4.57 -9.61
C GLY B 9 37.47 3.26 -8.98
N VAL B 10 37.87 3.01 -7.74
CA VAL B 10 37.53 1.77 -7.07
C VAL B 10 36.00 1.60 -7.05
N ALA B 11 35.24 2.67 -6.76
CA ALA B 11 33.79 2.58 -6.74
C ALA B 11 33.20 2.30 -8.13
N LYS B 12 33.69 3.01 -9.15
CA LYS B 12 33.19 2.82 -10.50
C LYS B 12 33.26 1.36 -10.86
N GLU B 13 34.37 0.73 -10.49
CA GLU B 13 34.62 -0.68 -10.75
C GLU B 13 33.70 -1.57 -9.92
N LEU B 14 33.53 -1.20 -8.65
CA LEU B 14 32.64 -1.97 -7.79
C LEU B 14 31.17 -1.81 -8.30
N PHE B 15 30.81 -0.62 -8.78
CA PHE B 15 29.47 -0.42 -9.29
C PHE B 15 29.22 -1.21 -10.58
N ILE B 16 30.23 -1.31 -11.43
CA ILE B 16 30.12 -2.05 -12.66
C ILE B 16 30.09 -3.57 -12.42
N LYS B 17 30.85 -4.02 -11.44
CA LYS B 17 30.93 -5.44 -11.15
C LYS B 17 29.79 -5.99 -10.28
N ASN B 18 29.25 -5.20 -9.36
CA ASN B 18 28.20 -5.73 -8.50
C ASN B 18 26.92 -4.90 -8.41
N GLY B 19 26.81 -3.86 -9.23
CA GLY B 19 25.61 -3.06 -9.18
C GLY B 19 25.73 -2.08 -8.04
N TYR B 20 24.78 -1.16 -7.97
CA TYR B 20 24.76 -0.14 -6.92
C TYR B 20 24.48 -0.70 -5.51
N ASN B 21 23.27 -1.22 -5.30
CA ASN B 21 22.86 -1.78 -4.02
C ASN B 21 23.83 -2.74 -3.33
N ALA B 22 24.67 -3.43 -4.08
CA ALA B 22 25.54 -4.40 -3.41
C ALA B 22 26.91 -3.82 -3.03
N THR B 23 27.14 -2.58 -3.44
CA THR B 23 28.39 -1.89 -3.19
C THR B 23 28.21 -0.94 -2.02
N THR B 24 28.95 -1.19 -0.95
CA THR B 24 28.86 -0.32 0.21
C THR B 24 30.12 0.52 0.38
N THR B 25 29.93 1.73 0.90
CA THR B 25 31.04 2.64 1.13
C THR B 25 32.11 1.80 1.84
N GLY B 26 31.67 0.91 2.72
CA GLY B 26 32.63 0.06 3.41
C GLY B 26 33.58 -0.66 2.47
N GLU B 27 33.06 -1.45 1.53
CA GLU B 27 33.92 -2.16 0.58
C GLU B 27 34.69 -1.16 -0.28
N ILE B 28 34.05 -0.02 -0.60
CA ILE B 28 34.67 1.02 -1.42
C ILE B 28 35.93 1.55 -0.71
N VAL B 29 35.71 2.09 0.48
CA VAL B 29 36.75 2.64 1.32
C VAL B 29 37.93 1.73 1.62
N LYS B 30 37.67 0.52 2.12
CA LYS B 30 38.79 -0.37 2.43
C LYS B 30 39.49 -0.99 1.22
N LEU B 31 38.90 -0.86 0.05
CA LEU B 31 39.52 -1.38 -1.17
C LEU B 31 40.37 -0.24 -1.77
N SER B 32 40.01 1.01 -1.45
CA SER B 32 40.77 2.16 -1.92
C SER B 32 41.54 2.77 -0.74
N GLU B 33 41.57 2.03 0.37
CA GLU B 33 42.27 2.41 1.60
C GLU B 33 42.06 3.85 1.99
N SER B 34 40.94 4.11 2.65
CA SER B 34 40.60 5.46 3.07
C SER B 34 39.66 5.33 4.25
N SER B 35 38.67 6.20 4.36
CA SER B 35 37.74 6.08 5.46
C SER B 35 36.45 6.83 5.15
N LYS B 36 35.37 6.38 5.79
CA LYS B 36 34.06 6.98 5.62
C LYS B 36 34.10 8.49 5.84
N GLY B 37 34.94 8.92 6.79
CA GLY B 37 35.07 10.34 7.05
C GLY B 37 35.62 11.02 5.81
N ASN B 38 36.63 10.39 5.21
CA ASN B 38 37.23 10.91 3.99
C ASN B 38 36.21 10.93 2.83
N LEU B 39 35.64 9.76 2.49
CA LEU B 39 34.67 9.64 1.41
C LEU B 39 33.48 10.61 1.60
N TYR B 40 32.93 10.65 2.80
CA TYR B 40 31.82 11.54 3.07
C TYR B 40 32.34 12.97 2.89
N TYR B 41 33.61 13.15 3.25
CA TYR B 41 34.26 14.45 3.15
C TYR B 41 34.34 14.92 1.70
N HIS B 42 34.77 14.03 0.80
CA HIS B 42 34.90 14.35 -0.63
C HIS B 42 33.63 14.24 -1.46
N PHE B 43 32.71 13.36 -1.06
CA PHE B 43 31.51 13.14 -1.83
C PHE B 43 30.21 13.24 -1.06
N LYS B 44 30.31 13.17 0.28
CA LYS B 44 29.16 13.26 1.20
C LYS B 44 28.42 11.94 1.41
N THR B 45 27.58 11.58 0.45
CA THR B 45 26.78 10.36 0.51
C THR B 45 27.07 9.42 -0.68
N LYS B 46 27.09 8.12 -0.42
CA LYS B 46 27.36 7.13 -1.46
C LYS B 46 26.52 7.43 -2.68
N GLU B 47 25.32 7.94 -2.47
CA GLU B 47 24.41 8.27 -3.55
C GLU B 47 24.97 9.39 -4.40
N ASN B 48 25.67 10.33 -3.76
CA ASN B 48 26.24 11.45 -4.50
C ASN B 48 27.54 11.05 -5.20
N LEU B 49 28.31 10.17 -4.57
CA LEU B 49 29.56 9.68 -5.17
C LEU B 49 29.17 9.05 -6.51
N PHE B 50 28.02 8.40 -6.52
CA PHE B 50 27.52 7.74 -7.70
C PHE B 50 27.11 8.74 -8.77
N LEU B 51 26.33 9.77 -8.42
CA LEU B 51 25.93 10.75 -9.41
C LEU B 51 27.17 11.42 -9.99
N GLU B 52 28.22 11.56 -9.18
CA GLU B 52 29.45 12.17 -9.66
C GLU B 52 30.07 11.24 -10.70
N ILE B 53 30.22 9.98 -10.32
CA ILE B 53 30.77 8.98 -11.20
C ILE B 53 29.97 9.00 -12.48
N LEU B 54 28.66 9.18 -12.34
CA LEU B 54 27.78 9.21 -13.51
C LEU B 54 28.07 10.37 -14.45
N ASN B 55 28.34 11.55 -13.92
CA ASN B 55 28.65 12.67 -14.81
C ASN B 55 29.95 12.40 -15.57
N ILE B 56 30.96 11.94 -14.84
CA ILE B 56 32.24 11.60 -15.43
C ILE B 56 32.04 10.68 -16.67
N GLU B 57 31.61 9.43 -16.40
CA GLU B 57 31.37 8.44 -17.44
C GLU B 57 30.55 9.05 -18.55
N GLU B 58 29.61 9.89 -18.14
CA GLU B 58 28.74 10.55 -19.10
C GLU B 58 29.50 11.44 -20.06
N SER B 59 30.28 12.35 -19.52
CA SER B 59 31.04 13.28 -20.36
C SER B 59 32.25 12.61 -21.03
N LYS B 60 32.84 11.61 -20.39
CA LYS B 60 33.96 10.86 -20.96
C LYS B 60 33.47 10.19 -22.25
N TRP B 61 32.17 9.89 -22.31
CA TRP B 61 31.55 9.27 -23.49
C TRP B 61 31.02 10.31 -24.50
N GLN B 62 30.52 11.43 -24.00
CA GLN B 62 30.01 12.44 -24.92
C GLN B 62 31.18 13.13 -25.60
N GLU B 63 32.38 12.93 -25.04
CA GLU B 63 33.60 13.53 -25.56
C GLU B 63 34.23 12.62 -26.63
N GLN B 64 34.28 11.34 -26.31
CA GLN B 64 34.84 10.32 -27.18
C GLN B 64 34.04 10.25 -28.46
N TRP B 65 32.81 10.76 -28.44
CA TRP B 65 31.94 10.76 -29.61
C TRP B 65 32.04 12.06 -30.37
N LYS B 66 32.27 13.17 -29.67
CA LYS B 66 32.41 14.45 -30.36
C LYS B 66 33.59 14.28 -31.33
N LYS B 67 34.61 13.55 -30.86
CA LYS B 67 35.80 13.28 -31.66
C LYS B 67 35.55 12.28 -32.80
N GLU B 68 35.38 11.00 -32.47
CA GLU B 68 35.14 9.99 -33.48
C GLU B 68 34.02 10.28 -34.49
N GLN B 69 32.92 10.87 -34.03
CA GLN B 69 31.77 11.17 -34.90
C GLN B 69 32.04 11.83 -36.26
N ILE B 70 33.20 12.47 -36.38
CA ILE B 70 33.55 13.16 -37.60
C ILE B 70 33.80 12.20 -38.78
N LYS B 71 34.27 11.01 -38.49
CA LYS B 71 34.53 10.02 -39.51
C LYS B 71 33.27 9.54 -40.26
N ALA B 72 32.13 10.21 -40.01
CA ALA B 72 30.88 9.87 -40.67
C ALA B 72 30.30 11.12 -41.30
N LYS B 73 30.34 11.18 -42.63
CA LYS B 73 29.85 12.34 -43.35
C LYS B 73 28.35 12.53 -43.14
N THR B 74 27.52 11.62 -43.67
CA THR B 74 26.06 11.73 -43.51
C THR B 74 25.59 11.32 -42.10
N ASN B 75 24.33 11.64 -41.77
CA ASN B 75 23.82 11.30 -40.46
C ASN B 75 23.34 9.87 -40.39
N ARG B 76 22.94 9.35 -41.54
CA ARG B 76 22.54 7.94 -41.60
C ARG B 76 23.77 7.18 -41.06
N GLU B 77 24.96 7.74 -41.30
CA GLU B 77 26.20 7.11 -40.88
C GLU B 77 26.53 7.36 -39.42
N LYS B 78 26.23 8.58 -38.95
CA LYS B 78 26.49 8.90 -37.56
C LYS B 78 25.63 7.97 -36.70
N PHE B 79 24.48 7.57 -37.22
CA PHE B 79 23.58 6.69 -36.48
C PHE B 79 24.18 5.29 -36.37
N TYR B 80 24.47 4.70 -37.52
CA TYR B 80 25.05 3.35 -37.58
C TYR B 80 26.27 3.30 -36.68
N LEU B 81 27.07 4.36 -36.76
CA LEU B 81 28.31 4.47 -36.03
C LEU B 81 28.16 4.69 -34.53
N TYR B 82 27.27 5.58 -34.11
CA TYR B 82 27.05 5.84 -32.67
C TYR B 82 26.77 4.52 -31.97
N ASN B 83 25.77 3.81 -32.50
CA ASN B 83 25.31 2.54 -31.97
C ASN B 83 26.39 1.51 -31.94
N GLU B 84 27.24 1.50 -32.97
CA GLU B 84 28.34 0.54 -33.05
C GLU B 84 29.27 0.83 -31.93
N LEU B 85 29.68 2.09 -31.88
CA LEU B 85 30.62 2.57 -30.87
C LEU B 85 30.19 2.23 -29.46
N SER B 86 28.90 2.39 -29.22
CA SER B 86 28.27 2.14 -27.94
C SER B 86 28.57 0.76 -27.37
N LEU B 87 28.83 -0.19 -28.24
CA LEU B 87 29.10 -1.52 -27.79
C LEU B 87 30.53 -1.70 -27.39
N THR B 88 31.35 -0.70 -27.69
CA THR B 88 32.78 -0.87 -27.40
C THR B 88 33.41 0.15 -26.52
N THR B 89 32.80 1.32 -26.42
CA THR B 89 33.36 2.32 -25.53
C THR B 89 33.54 1.72 -24.10
N GLU B 90 34.44 2.30 -23.33
CA GLU B 90 34.67 1.78 -22.01
C GLU B 90 33.80 2.61 -21.07
N TYR B 91 33.19 3.65 -21.63
CA TYR B 91 32.37 4.55 -20.84
C TYR B 91 30.86 4.40 -20.74
N TYR B 92 30.34 4.75 -19.57
CA TYR B 92 28.91 4.81 -19.30
C TYR B 92 28.06 3.55 -19.39
N TYR B 93 27.87 3.06 -20.62
CA TYR B 93 27.07 1.86 -20.86
C TYR B 93 27.37 0.74 -19.88
N PRO B 94 28.62 0.63 -19.38
CA PRO B 94 28.90 -0.47 -18.42
C PRO B 94 28.26 -0.23 -17.07
N LEU B 95 27.70 0.95 -16.85
CA LEU B 95 27.10 1.20 -15.55
C LEU B 95 25.59 1.05 -15.50
N GLN B 96 24.99 0.68 -16.62
CA GLN B 96 23.54 0.52 -16.75
C GLN B 96 22.83 -0.35 -15.69
N ASN B 97 23.50 -1.37 -15.21
CA ASN B 97 22.91 -2.19 -14.20
C ASN B 97 22.71 -1.34 -12.97
N ALA B 98 23.79 -0.69 -12.58
CA ALA B 98 23.79 0.19 -11.43
C ALA B 98 22.85 1.37 -11.67
N ILE B 99 22.88 1.98 -12.85
CA ILE B 99 22.00 3.11 -13.10
C ILE B 99 20.54 2.73 -12.90
N ILE B 100 20.16 1.59 -13.42
CA ILE B 100 18.80 1.11 -13.27
C ILE B 100 18.55 0.99 -11.75
N GLU B 101 19.26 0.08 -11.09
CA GLU B 101 19.12 -0.16 -9.66
C GLU B 101 18.92 1.10 -8.83
N PHE B 102 19.81 2.05 -9.07
CA PHE B 102 19.83 3.35 -8.41
C PHE B 102 18.56 4.15 -8.70
N TYR B 103 18.29 4.40 -9.97
CA TYR B 103 17.12 5.18 -10.32
C TYR B 103 15.84 4.66 -9.68
N THR B 104 15.68 3.34 -9.61
CA THR B 104 14.46 2.84 -9.02
C THR B 104 14.41 3.19 -7.51
N GLU B 105 15.57 3.25 -6.88
CA GLU B 105 15.66 3.59 -5.46
C GLU B 105 15.46 5.07 -5.15
N TYR B 106 15.59 5.93 -6.16
CA TYR B 106 15.48 7.36 -5.91
C TYR B 106 14.63 8.18 -6.87
N TYR B 107 13.82 7.54 -7.70
CA TYR B 107 13.01 8.34 -8.63
C TYR B 107 11.99 9.17 -7.85
N LYS B 108 11.64 8.70 -6.65
CA LYS B 108 10.69 9.37 -5.79
C LYS B 108 11.29 10.66 -5.27
N THR B 109 12.37 10.51 -4.50
CA THR B 109 13.08 11.66 -3.94
C THR B 109 13.33 12.62 -5.10
N ASN B 110 12.46 13.63 -5.26
CA ASN B 110 12.56 14.58 -6.35
C ASN B 110 13.91 15.28 -6.56
N SER B 111 14.68 15.42 -5.49
CA SER B 111 15.99 16.07 -5.62
C SER B 111 16.81 15.34 -6.69
N ILE B 112 17.05 14.06 -6.44
CA ILE B 112 17.81 13.19 -7.32
C ILE B 112 17.16 13.16 -8.71
N ASN B 113 15.86 12.86 -8.77
CA ASN B 113 15.14 12.78 -10.05
C ASN B 113 15.46 13.92 -11.01
N GLU B 114 15.86 15.06 -10.47
CA GLU B 114 16.21 16.19 -11.33
C GLU B 114 17.55 15.93 -12.01
N LYS B 115 18.55 15.59 -11.20
CA LYS B 115 19.89 15.31 -11.69
C LYS B 115 19.90 14.15 -12.70
N MET B 116 19.18 13.08 -12.38
CA MET B 116 19.08 11.94 -13.27
C MET B 116 18.50 12.37 -14.62
N ASN B 117 17.47 13.22 -14.57
CA ASN B 117 16.84 13.70 -15.80
C ASN B 117 17.83 14.55 -16.56
N LYS B 118 18.57 15.38 -15.82
CA LYS B 118 19.56 16.23 -16.44
C LYS B 118 20.44 15.28 -17.24
N LEU B 119 21.22 14.47 -16.53
CA LEU B 119 22.10 13.48 -17.11
C LEU B 119 21.46 12.69 -18.24
N GLU B 120 20.23 12.25 -18.04
CA GLU B 120 19.54 11.46 -19.03
C GLU B 120 19.23 12.22 -20.31
N ASN B 121 19.25 13.54 -20.25
CA ASN B 121 18.97 14.29 -21.45
C ASN B 121 20.22 14.48 -22.26
N LYS B 122 21.37 14.46 -21.59
CA LYS B 122 22.64 14.58 -22.29
C LYS B 122 22.65 13.35 -23.19
N TYR B 123 22.54 12.17 -22.57
CA TYR B 123 22.51 10.91 -23.28
C TYR B 123 21.64 10.96 -24.55
N ILE B 124 20.33 11.16 -24.42
CA ILE B 124 19.47 11.19 -25.60
C ILE B 124 19.81 12.31 -26.59
N ASP B 125 20.47 13.37 -26.12
CA ASP B 125 20.83 14.52 -26.96
C ASP B 125 21.42 14.14 -28.33
N ALA B 126 22.43 13.27 -28.25
CA ALA B 126 23.16 12.73 -29.38
C ALA B 126 22.21 12.24 -30.47
N TYR B 127 21.20 11.48 -30.08
CA TYR B 127 20.27 11.02 -31.09
C TYR B 127 19.44 12.18 -31.64
N HIS B 128 19.15 13.14 -30.79
CA HIS B 128 18.36 14.32 -31.18
C HIS B 128 19.13 15.11 -32.25
N VAL B 129 20.41 15.35 -31.97
CA VAL B 129 21.27 16.08 -32.90
C VAL B 129 21.27 15.37 -34.26
N ILE B 130 21.67 14.10 -34.25
CA ILE B 130 21.69 13.30 -35.46
C ILE B 130 20.37 13.38 -36.22
N PHE B 131 19.26 13.25 -35.51
CA PHE B 131 17.97 13.26 -36.21
C PHE B 131 17.50 14.64 -36.67
N LYS B 132 17.87 15.66 -35.88
CA LYS B 132 17.52 17.06 -36.20
C LYS B 132 18.25 17.40 -37.49
N GLU B 133 19.59 17.43 -37.41
CA GLU B 133 20.46 17.72 -38.56
C GLU B 133 20.10 16.83 -39.74
N GLY B 134 19.67 15.61 -39.45
CA GLY B 134 19.29 14.68 -40.48
C GLY B 134 18.19 15.27 -41.31
N ASN B 135 17.14 15.77 -40.64
CA ASN B 135 16.01 16.38 -41.33
C ASN B 135 16.54 17.61 -42.09
N LEU B 136 17.43 18.36 -41.45
CA LEU B 136 18.03 19.56 -42.04
C LEU B 136 19.12 19.22 -43.09
N ASN B 137 19.01 18.06 -43.73
CA ASN B 137 19.95 17.63 -44.76
C ASN B 137 19.13 16.71 -45.62
N GLY B 138 17.84 16.67 -45.29
CA GLY B 138 16.89 15.84 -46.01
C GLY B 138 17.22 14.36 -46.12
N GLU B 139 17.78 13.77 -45.07
CA GLU B 139 18.11 12.33 -45.12
C GLU B 139 16.88 11.51 -44.72
N TRP B 140 15.87 12.20 -44.19
CA TRP B 140 14.63 11.57 -43.75
C TRP B 140 13.67 12.67 -43.27
N SER B 141 12.39 12.32 -43.12
CA SER B 141 11.40 13.27 -42.63
C SER B 141 10.81 12.77 -41.32
N ILE B 142 11.27 13.31 -40.21
CA ILE B 142 10.74 12.85 -38.92
C ILE B 142 10.02 13.96 -38.17
N ASN B 143 8.70 13.77 -38.01
CA ASN B 143 7.83 14.73 -37.31
C ASN B 143 8.23 14.92 -35.85
N ASP B 144 8.05 13.87 -35.07
CA ASP B 144 8.36 13.84 -33.66
C ASP B 144 9.80 13.37 -33.44
N VAL B 145 10.70 14.32 -33.24
CA VAL B 145 12.09 13.99 -33.04
C VAL B 145 12.47 13.53 -31.64
N ASN B 146 11.88 14.09 -30.60
CA ASN B 146 12.24 13.66 -29.24
C ASN B 146 11.76 12.21 -29.04
N ALA B 147 10.62 11.89 -29.64
CA ALA B 147 10.07 10.54 -29.52
C ALA B 147 11.01 9.50 -30.13
N VAL B 148 11.49 9.79 -31.33
CA VAL B 148 12.36 8.89 -32.04
C VAL B 148 13.70 8.86 -31.31
N SER B 149 14.19 10.01 -30.88
CA SER B 149 15.44 10.08 -30.16
C SER B 149 15.37 9.23 -28.89
N LYS B 150 14.20 9.19 -28.25
CA LYS B 150 14.08 8.43 -27.01
C LYS B 150 14.00 6.96 -27.32
N ILE B 151 13.16 6.62 -28.30
CA ILE B 151 12.96 5.25 -28.74
C ILE B 151 14.28 4.60 -29.11
N ALA B 152 15.10 5.38 -29.84
CA ALA B 152 16.42 5.01 -30.32
C ALA B 152 17.33 4.64 -29.16
N ALA B 153 17.65 5.67 -28.39
CA ALA B 153 18.48 5.54 -27.22
C ALA B 153 18.10 4.31 -26.40
N ASN B 154 16.82 4.15 -26.13
CA ASN B 154 16.41 2.99 -25.31
C ASN B 154 16.57 1.67 -26.02
N ALA B 155 16.25 1.66 -27.32
CA ALA B 155 16.38 0.43 -28.08
C ALA B 155 17.86 0.01 -28.14
N VAL B 156 18.73 0.94 -28.50
CA VAL B 156 20.13 0.60 -28.61
C VAL B 156 20.69 0.16 -27.28
N ASN B 157 20.37 0.92 -26.24
CA ASN B 157 20.84 0.61 -24.88
C ASN B 157 20.33 -0.77 -24.47
N GLY B 158 19.16 -1.15 -24.97
CA GLY B 158 18.64 -2.46 -24.64
C GLY B 158 19.56 -3.43 -25.35
N ILE B 159 19.90 -3.16 -26.61
CA ILE B 159 20.76 -4.09 -27.32
C ILE B 159 22.14 -4.16 -26.66
N VAL B 160 22.71 -3.01 -26.38
CA VAL B 160 24.00 -3.00 -25.73
C VAL B 160 24.00 -3.80 -24.44
N THR B 161 23.04 -3.54 -23.54
CA THR B 161 23.05 -4.24 -22.26
C THR B 161 22.48 -5.66 -22.06
N PHE B 162 21.70 -6.17 -23.02
CA PHE B 162 21.12 -7.51 -22.85
C PHE B 162 21.71 -8.56 -23.81
N THR B 163 22.95 -8.31 -24.23
CA THR B 163 23.72 -9.22 -25.09
C THR B 163 25.21 -9.09 -24.71
N HIS B 164 25.49 -8.63 -23.48
CA HIS B 164 26.90 -8.49 -23.02
C HIS B 164 27.53 -9.89 -22.97
N GLU B 165 26.64 -10.87 -22.86
CA GLU B 165 26.90 -12.30 -22.81
C GLU B 165 27.88 -12.86 -23.86
N GLN B 166 27.64 -12.49 -25.13
CA GLN B 166 28.36 -13.00 -26.28
C GLN B 166 29.53 -12.26 -26.94
N ASN B 167 29.96 -12.86 -28.06
CA ASN B 167 31.02 -12.44 -28.99
C ASN B 167 30.73 -11.02 -29.49
N ILE B 168 31.64 -10.10 -29.27
CA ILE B 168 31.42 -8.75 -29.70
C ILE B 168 31.20 -8.56 -31.19
N ASN B 169 31.73 -9.46 -32.01
CA ASN B 169 31.52 -9.29 -33.44
C ASN B 169 30.06 -9.53 -33.80
N GLU B 170 29.43 -10.50 -33.14
CA GLU B 170 28.02 -10.76 -33.40
C GLU B 170 27.24 -9.51 -32.87
N ARG B 171 27.59 -9.04 -31.67
CA ARG B 171 26.90 -7.87 -31.10
C ARG B 171 26.88 -6.75 -32.14
N ILE B 172 28.03 -6.49 -32.74
CA ILE B 172 28.13 -5.46 -33.78
C ILE B 172 27.37 -5.88 -35.06
N LYS B 173 27.29 -7.18 -35.31
CA LYS B 173 26.56 -7.58 -36.48
C LYS B 173 25.08 -7.22 -36.26
N LEU B 174 24.52 -7.64 -35.11
CA LEU B 174 23.12 -7.39 -34.77
C LEU B 174 22.84 -5.91 -34.67
N MET B 175 23.74 -5.19 -34.01
CA MET B 175 23.50 -3.77 -33.90
C MET B 175 23.36 -3.10 -35.27
N ASN B 176 24.22 -3.48 -36.22
CA ASN B 176 24.20 -2.87 -37.57
C ASN B 176 22.93 -3.18 -38.29
N LYS B 177 22.47 -4.41 -38.13
CA LYS B 177 21.22 -4.85 -38.75
C LYS B 177 20.10 -4.03 -38.11
N PHE B 178 20.18 -3.89 -36.78
CA PHE B 178 19.17 -3.13 -36.08
C PHE B 178 19.13 -1.76 -36.69
N SER B 179 20.29 -1.13 -36.76
CA SER B 179 20.34 0.23 -37.30
C SER B 179 19.81 0.32 -38.73
N GLN B 180 20.16 -0.67 -39.54
CA GLN B 180 19.66 -0.62 -40.90
C GLN B 180 18.13 -0.64 -40.85
N ILE B 181 17.56 -1.65 -40.19
CA ILE B 181 16.09 -1.80 -40.09
C ILE B 181 15.45 -0.52 -39.61
N PHE B 182 15.99 -0.02 -38.51
CA PHE B 182 15.47 1.20 -37.94
C PHE B 182 15.46 2.34 -38.94
N LEU B 183 16.64 2.81 -39.36
CA LEU B 183 16.78 3.92 -40.33
C LEU B 183 15.83 3.72 -41.49
N ASN B 184 15.64 2.47 -41.87
CA ASN B 184 14.71 2.27 -42.93
C ASN B 184 13.39 2.81 -42.47
N GLY B 185 12.69 2.03 -41.65
CA GLY B 185 11.40 2.44 -41.14
C GLY B 185 11.19 3.93 -40.95
N LEU B 186 12.25 4.68 -40.68
CA LEU B 186 12.13 6.12 -40.47
C LEU B 186 11.76 7.02 -41.64
N SER B 187 10.78 6.61 -42.45
CA SER B 187 10.29 7.37 -43.62
C SER B 187 10.04 6.44 -44.82
N ASN C 2 3.20 1.11 -6.60
CA ASN C 2 2.04 1.02 -7.54
C ASN C 2 1.23 -0.29 -7.57
N LEU C 3 1.87 -1.39 -7.94
CA LEU C 3 1.14 -2.66 -7.89
C LEU C 3 0.60 -2.74 -6.41
N LYS C 4 1.46 -2.35 -5.47
CA LYS C 4 1.10 -2.30 -4.06
C LYS C 4 -0.11 -1.34 -3.88
N ASP C 5 -0.03 -0.13 -4.43
CA ASP C 5 -1.14 0.81 -4.31
C ASP C 5 -2.41 0.34 -5.03
N LYS C 6 -2.25 -0.44 -6.10
CA LYS C 6 -3.36 -0.99 -6.87
C LYS C 6 -4.03 -2.06 -6.00
N ILE C 7 -3.25 -2.83 -5.25
CA ILE C 7 -3.80 -3.84 -4.35
C ILE C 7 -4.62 -3.10 -3.26
N LEU C 8 -4.05 -2.02 -2.71
CA LEU C 8 -4.75 -1.25 -1.68
C LEU C 8 -6.07 -0.68 -2.16
N GLY C 9 -6.04 -0.06 -3.36
CA GLY C 9 -7.25 0.50 -3.94
C GLY C 9 -8.29 -0.56 -4.28
N VAL C 10 -7.87 -1.64 -4.89
CA VAL C 10 -8.86 -2.66 -5.22
C VAL C 10 -9.48 -3.26 -3.94
N ALA C 11 -8.62 -3.58 -2.98
CA ALA C 11 -9.09 -4.17 -1.74
C ALA C 11 -10.06 -3.23 -1.05
N LYS C 12 -9.70 -1.95 -0.98
CA LYS C 12 -10.60 -1.00 -0.34
C LYS C 12 -12.00 -1.04 -0.96
N GLU C 13 -12.07 -1.09 -2.30
CA GLU C 13 -13.38 -1.18 -2.98
C GLU C 13 -14.10 -2.45 -2.67
N LEU C 14 -13.36 -3.55 -2.68
CA LEU C 14 -14.02 -4.83 -2.36
C LEU C 14 -14.54 -4.83 -0.94
N PHE C 15 -13.75 -4.33 -0.02
CA PHE C 15 -14.18 -4.33 1.38
C PHE C 15 -15.46 -3.50 1.47
N ILE C 16 -15.49 -2.37 0.76
CA ILE C 16 -16.69 -1.51 0.78
C ILE C 16 -17.90 -2.21 0.14
N LYS C 17 -17.73 -2.82 -1.03
CA LYS C 17 -18.86 -3.53 -1.64
C LYS C 17 -19.33 -4.74 -0.83
N ASN C 18 -18.39 -5.60 -0.45
CA ASN C 18 -18.73 -6.82 0.25
C ASN C 18 -18.36 -6.98 1.69
N GLY C 19 -17.69 -6.01 2.25
CA GLY C 19 -17.27 -6.15 3.64
C GLY C 19 -16.02 -7.03 3.78
N TYR C 20 -15.52 -7.05 5.00
CA TYR C 20 -14.33 -7.81 5.35
C TYR C 20 -14.41 -9.33 5.19
N ASN C 21 -15.24 -9.98 5.98
CA ASN C 21 -15.35 -11.44 5.91
C ASN C 21 -15.49 -12.06 4.54
N ALA C 22 -16.31 -11.48 3.68
CA ALA C 22 -16.53 -12.07 2.36
C ALA C 22 -15.47 -11.80 1.32
N THR C 23 -14.66 -10.77 1.56
CA THR C 23 -13.60 -10.42 0.61
C THR C 23 -12.41 -11.35 0.81
N THR C 24 -11.92 -11.94 -0.27
CA THR C 24 -10.78 -12.87 -0.23
C THR C 24 -9.58 -12.31 -0.96
N THR C 25 -8.40 -12.74 -0.51
CA THR C 25 -7.16 -12.27 -1.10
C THR C 25 -7.09 -12.69 -2.55
N GLY C 26 -7.77 -13.79 -2.87
CA GLY C 26 -7.80 -14.27 -4.26
C GLY C 26 -8.52 -13.25 -5.13
N GLU C 27 -9.65 -12.74 -4.62
CA GLU C 27 -10.37 -11.71 -5.38
C GLU C 27 -9.39 -10.56 -5.56
N ILE C 28 -8.78 -10.15 -4.45
CA ILE C 28 -7.84 -9.03 -4.52
C ILE C 28 -6.67 -9.28 -5.48
N VAL C 29 -6.14 -10.49 -5.48
CA VAL C 29 -5.01 -10.76 -6.37
C VAL C 29 -5.34 -10.57 -7.84
N LYS C 30 -6.40 -11.24 -8.29
CA LYS C 30 -6.80 -11.17 -9.67
C LYS C 30 -7.25 -9.80 -10.09
N LEU C 31 -8.08 -9.12 -9.28
CA LEU C 31 -8.53 -7.81 -9.72
C LEU C 31 -7.46 -6.74 -9.77
N SER C 32 -6.32 -6.96 -9.13
CA SER C 32 -5.28 -5.92 -9.21
C SER C 32 -4.16 -6.41 -10.11
N GLU C 33 -4.36 -7.60 -10.66
CA GLU C 33 -3.39 -8.22 -11.54
C GLU C 33 -2.04 -8.40 -10.88
N SER C 34 -2.11 -8.93 -9.66
CA SER C 34 -0.92 -9.16 -8.87
C SER C 34 -0.72 -10.66 -8.63
N SER C 35 -0.29 -11.08 -7.45
CA SER C 35 -0.10 -12.54 -7.19
C SER C 35 -0.17 -12.82 -5.70
N LYS C 36 -0.42 -14.07 -5.31
CA LYS C 36 -0.51 -14.39 -3.89
C LYS C 36 0.83 -13.96 -3.29
N GLY C 37 1.92 -14.24 -4.03
CA GLY C 37 3.26 -13.92 -3.60
C GLY C 37 3.53 -12.46 -3.37
N ASN C 38 3.10 -11.64 -4.31
CA ASN C 38 3.31 -10.22 -4.11
C ASN C 38 2.48 -9.71 -2.94
N LEU C 39 1.26 -10.22 -2.83
CA LEU C 39 0.41 -9.76 -1.76
C LEU C 39 1.01 -10.22 -0.43
N TYR C 40 1.52 -11.45 -0.40
CA TYR C 40 2.16 -12.00 0.79
C TYR C 40 3.34 -11.11 1.17
N TYR C 41 4.19 -10.79 0.20
CA TYR C 41 5.34 -9.91 0.45
C TYR C 41 5.01 -8.52 0.97
N HIS C 42 3.93 -7.90 0.49
CA HIS C 42 3.65 -6.56 0.96
C HIS C 42 2.88 -6.51 2.24
N PHE C 43 2.01 -7.50 2.46
CA PHE C 43 1.19 -7.45 3.65
C PHE C 43 1.08 -8.71 4.52
N LYS C 44 1.57 -9.83 4.05
CA LYS C 44 1.49 -11.04 4.85
C LYS C 44 0.05 -11.58 4.98
N THR C 45 -0.89 -10.76 5.44
CA THR C 45 -2.28 -11.24 5.61
C THR C 45 -3.35 -10.22 5.29
N LYS C 46 -4.57 -10.73 5.13
CA LYS C 46 -5.73 -9.90 4.85
C LYS C 46 -5.84 -8.88 5.97
N GLU C 47 -5.65 -9.33 7.23
CA GLU C 47 -5.74 -8.41 8.37
C GLU C 47 -4.73 -7.30 8.26
N ASN C 48 -3.54 -7.66 7.90
CA ASN C 48 -2.52 -6.67 7.76
C ASN C 48 -2.84 -5.72 6.64
N LEU C 49 -3.29 -6.30 5.53
CA LEU C 49 -3.68 -5.53 4.38
C LEU C 49 -4.74 -4.49 4.82
N PHE C 50 -5.76 -4.97 5.53
CA PHE C 50 -6.81 -4.08 5.98
C PHE C 50 -6.30 -2.96 6.91
N LEU C 51 -5.32 -3.27 7.75
CA LEU C 51 -4.74 -2.29 8.65
C LEU C 51 -3.96 -1.25 7.90
N GLU C 52 -3.32 -1.68 6.82
CA GLU C 52 -2.57 -0.77 5.98
C GLU C 52 -3.57 0.22 5.33
N ILE C 53 -4.70 -0.33 4.86
CA ILE C 53 -5.76 0.48 4.28
C ILE C 53 -6.16 1.51 5.34
N LEU C 54 -6.47 1.04 6.54
CA LEU C 54 -6.85 1.96 7.61
C LEU C 54 -5.82 3.07 7.86
N ASN C 55 -4.53 2.74 7.78
CA ASN C 55 -3.56 3.83 7.96
C ASN C 55 -3.65 4.87 6.86
N ILE C 56 -3.85 4.42 5.61
CA ILE C 56 -3.97 5.35 4.50
C ILE C 56 -5.20 6.21 4.78
N GLU C 57 -6.29 5.56 5.21
CA GLU C 57 -7.52 6.30 5.50
C GLU C 57 -7.30 7.36 6.55
N GLU C 58 -6.57 7.00 7.61
CA GLU C 58 -6.29 7.94 8.66
C GLU C 58 -5.55 9.13 8.07
N SER C 59 -4.51 8.88 7.28
CA SER C 59 -3.79 10.01 6.65
C SER C 59 -4.72 10.92 5.86
N LYS C 60 -5.56 10.31 5.02
CA LYS C 60 -6.48 11.08 4.24
C LYS C 60 -7.31 11.91 5.21
N TRP C 61 -7.74 11.31 6.31
CA TRP C 61 -8.55 12.06 7.29
C TRP C 61 -7.70 13.19 7.89
N GLN C 62 -6.46 12.93 8.21
CA GLN C 62 -5.60 13.99 8.76
C GLN C 62 -5.50 15.18 7.77
N GLU C 63 -5.12 14.89 6.53
CA GLU C 63 -4.98 15.93 5.53
C GLU C 63 -6.28 16.72 5.40
N GLN C 64 -7.40 16.03 5.44
CA GLN C 64 -8.65 16.77 5.34
C GLN C 64 -8.84 17.71 6.56
N TRP C 65 -8.45 17.27 7.76
CA TRP C 65 -8.60 18.08 8.98
C TRP C 65 -7.72 19.32 8.85
N LYS C 66 -6.52 19.10 8.33
CA LYS C 66 -5.58 20.20 8.10
C LYS C 66 -6.21 21.34 7.29
N LYS C 67 -6.96 21.02 6.26
CA LYS C 67 -7.56 22.06 5.43
C LYS C 67 -8.78 22.67 6.08
N GLU C 68 -9.61 21.82 6.66
CA GLU C 68 -10.84 22.28 7.29
C GLU C 68 -10.64 23.08 8.59
N GLN C 69 -9.54 22.85 9.31
CA GLN C 69 -9.36 23.58 10.57
C GLN C 69 -9.01 25.05 10.47
N ILE C 70 -8.79 25.53 9.25
CA ILE C 70 -8.49 26.94 9.08
C ILE C 70 -9.81 27.73 9.23
N LYS C 71 -10.93 27.03 9.15
CA LYS C 71 -12.25 27.64 9.35
C LYS C 71 -12.44 27.90 10.86
N ALA C 72 -11.40 27.63 11.64
CA ALA C 72 -11.49 27.81 13.09
C ALA C 72 -10.24 28.45 13.70
N LYS C 73 -10.35 29.76 13.92
CA LYS C 73 -9.30 30.60 14.47
C LYS C 73 -8.76 30.07 15.81
N THR C 74 -9.66 29.84 16.76
CA THR C 74 -9.30 29.39 18.10
C THR C 74 -9.52 27.88 18.27
N ASN C 75 -8.75 27.31 19.19
CA ASN C 75 -8.87 25.90 19.50
C ASN C 75 -10.21 25.56 20.14
N ARG C 76 -10.87 26.52 20.79
CA ARG C 76 -12.19 26.22 21.32
C ARG C 76 -13.01 25.80 20.07
N GLU C 77 -12.87 26.60 19.00
CA GLU C 77 -13.57 26.35 17.76
C GLU C 77 -13.16 25.05 17.08
N LYS C 78 -11.86 24.83 16.99
CA LYS C 78 -11.37 23.60 16.39
C LYS C 78 -11.99 22.38 17.13
N PHE C 79 -12.22 22.50 18.44
CA PHE C 79 -12.82 21.41 19.17
C PHE C 79 -14.26 21.16 18.66
N TYR C 80 -15.09 22.20 18.69
CA TYR C 80 -16.44 22.07 18.18
C TYR C 80 -16.44 21.51 16.76
N LEU C 81 -15.65 22.13 15.91
CA LEU C 81 -15.60 21.72 14.53
C LEU C 81 -15.15 20.29 14.30
N TYR C 82 -14.12 19.85 15.01
CA TYR C 82 -13.63 18.49 14.83
C TYR C 82 -14.68 17.44 15.21
N ASN C 83 -15.39 17.68 16.29
CA ASN C 83 -16.39 16.72 16.71
C ASN C 83 -17.53 16.69 15.73
N GLU C 84 -17.97 17.85 15.30
CA GLU C 84 -19.09 17.89 14.35
C GLU C 84 -18.68 17.14 13.07
N LEU C 85 -17.47 17.44 12.57
CA LEU C 85 -16.96 16.78 11.37
C LEU C 85 -16.98 15.27 11.46
N SER C 86 -16.58 14.76 12.62
CA SER C 86 -16.43 13.34 12.84
C SER C 86 -17.75 12.68 12.76
N LEU C 87 -18.74 13.36 13.30
CA LEU C 87 -20.06 12.79 13.29
C LEU C 87 -20.57 12.84 11.87
N THR C 88 -20.50 14.00 11.23
CA THR C 88 -21.03 14.01 9.87
C THR C 88 -20.25 13.17 8.90
N THR C 89 -18.94 13.23 8.87
CA THR C 89 -18.33 12.37 7.86
C THR C 89 -18.53 10.88 8.14
N GLU C 90 -18.64 10.46 9.39
CA GLU C 90 -18.76 9.01 9.58
C GLU C 90 -20.14 8.52 9.20
N TYR C 91 -21.13 9.41 9.18
CA TYR C 91 -22.48 9.06 8.81
C TYR C 91 -22.49 8.47 7.41
N TYR C 92 -21.67 9.01 6.52
CA TYR C 92 -21.67 8.50 5.15
C TYR C 92 -20.33 7.95 4.69
N TYR C 93 -19.59 7.32 5.59
CA TYR C 93 -18.29 6.76 5.24
C TYR C 93 -18.53 5.30 4.95
N PRO C 94 -18.40 4.91 3.68
CA PRO C 94 -18.63 3.52 3.25
C PRO C 94 -17.77 2.43 3.80
N LEU C 95 -16.66 2.76 4.44
CA LEU C 95 -15.81 1.70 4.96
C LEU C 95 -16.22 1.33 6.38
N GLN C 96 -17.01 2.19 7.01
CA GLN C 96 -17.39 1.96 8.39
C GLN C 96 -17.90 0.57 8.69
N ASN C 97 -18.63 -0.05 7.79
CA ASN C 97 -19.12 -1.41 8.09
C ASN C 97 -18.03 -2.48 8.08
N ALA C 98 -17.11 -2.36 7.12
CA ALA C 98 -16.03 -3.30 7.00
C ALA C 98 -15.21 -3.12 8.25
N ILE C 99 -15.00 -1.87 8.63
CA ILE C 99 -14.27 -1.55 9.85
C ILE C 99 -14.96 -2.12 11.10
N ILE C 100 -16.29 -1.92 11.23
CA ILE C 100 -17.01 -2.47 12.39
C ILE C 100 -16.82 -3.99 12.38
N GLU C 101 -17.05 -4.60 11.23
CA GLU C 101 -16.90 -6.04 11.10
C GLU C 101 -15.47 -6.48 11.45
N PHE C 102 -14.47 -5.67 11.10
CA PHE C 102 -13.09 -6.06 11.40
C PHE C 102 -12.76 -5.94 12.90
N TYR C 103 -13.04 -4.80 13.52
CA TYR C 103 -12.75 -4.61 14.94
C TYR C 103 -13.38 -5.66 15.82
N THR C 104 -14.71 -5.69 15.81
CA THR C 104 -15.46 -6.62 16.60
C THR C 104 -15.07 -8.04 16.29
N GLU C 105 -14.08 -8.23 15.44
CA GLU C 105 -13.69 -9.58 15.09
C GLU C 105 -12.21 -9.82 15.34
N TYR C 106 -11.51 -8.80 15.82
CA TYR C 106 -10.10 -8.94 16.08
C TYR C 106 -9.69 -8.24 17.36
N TYR C 107 -10.66 -7.68 18.07
CA TYR C 107 -10.34 -7.00 19.34
C TYR C 107 -10.05 -8.07 20.40
N LYS C 108 -9.87 -9.30 19.93
CA LYS C 108 -9.57 -10.45 20.80
C LYS C 108 -8.10 -10.87 20.61
N THR C 109 -7.59 -10.73 19.39
CA THR C 109 -6.22 -11.11 19.10
C THR C 109 -5.28 -9.97 19.49
N ASN C 110 -4.00 -10.30 19.66
CA ASN C 110 -3.00 -9.31 20.04
C ASN C 110 -2.16 -8.89 18.85
N SER C 111 -1.95 -9.82 17.93
CA SER C 111 -1.21 -9.52 16.72
C SER C 111 -1.82 -8.25 16.16
N ILE C 112 -3.12 -8.31 15.92
CA ILE C 112 -3.86 -7.18 15.37
C ILE C 112 -4.11 -6.05 16.37
N ASN C 113 -4.62 -6.37 17.55
CA ASN C 113 -4.91 -5.34 18.55
C ASN C 113 -3.73 -4.42 18.90
N GLU C 114 -2.51 -4.83 18.61
CA GLU C 114 -1.37 -3.96 18.90
C GLU C 114 -1.45 -2.71 18.02
N LYS C 115 -1.38 -2.94 16.71
CA LYS C 115 -1.41 -1.89 15.69
C LYS C 115 -2.65 -0.99 15.74
N MET C 116 -3.79 -1.56 16.05
CA MET C 116 -5.01 -0.79 16.11
C MET C 116 -4.80 0.40 17.00
N ASN C 117 -4.04 0.22 18.06
CA ASN C 117 -3.75 1.29 19.00
C ASN C 117 -2.73 2.30 18.45
N LYS C 118 -1.80 1.86 17.63
CA LYS C 118 -0.86 2.83 17.01
C LYS C 118 -1.77 3.74 16.18
N LEU C 119 -2.75 3.11 15.54
CA LEU C 119 -3.73 3.78 14.71
C LEU C 119 -4.68 4.65 15.52
N GLU C 120 -5.25 4.08 16.58
CA GLU C 120 -6.16 4.82 17.45
C GLU C 120 -5.40 6.02 18.05
N ASN C 121 -4.12 5.82 18.34
CA ASN C 121 -3.34 6.93 18.92
C ASN C 121 -3.21 8.07 17.93
N LYS C 122 -3.04 7.76 16.64
CA LYS C 122 -2.97 8.83 15.65
C LYS C 122 -4.25 9.70 15.71
N TYR C 123 -5.39 9.03 15.81
CA TYR C 123 -6.64 9.74 15.91
C TYR C 123 -6.69 10.60 17.17
N ILE C 124 -6.25 10.07 18.31
CA ILE C 124 -6.24 10.86 19.54
C ILE C 124 -5.31 12.10 19.44
N ASP C 125 -4.27 12.01 18.63
CA ASP C 125 -3.39 13.15 18.48
C ASP C 125 -4.13 14.42 18.12
N ALA C 126 -5.14 14.33 17.27
CA ALA C 126 -5.87 15.55 16.87
C ALA C 126 -6.26 16.33 18.11
N TYR C 127 -6.78 15.61 19.11
CA TYR C 127 -7.18 16.26 20.34
C TYR C 127 -5.99 16.80 21.09
N HIS C 128 -4.94 15.99 21.15
CA HIS C 128 -3.74 16.42 21.84
C HIS C 128 -3.30 17.78 21.26
N VAL C 129 -3.15 17.87 19.93
CA VAL C 129 -2.73 19.13 19.33
C VAL C 129 -3.65 20.25 19.79
N ILE C 130 -4.95 20.06 19.60
CA ILE C 130 -5.92 21.09 19.98
C ILE C 130 -5.77 21.55 21.44
N PHE C 131 -5.70 20.61 22.37
CA PHE C 131 -5.58 20.94 23.78
C PHE C 131 -4.26 21.62 24.14
N LYS C 132 -3.17 21.11 23.62
CA LYS C 132 -1.87 21.72 23.89
C LYS C 132 -1.95 23.15 23.39
N GLU C 133 -2.26 23.32 22.11
CA GLU C 133 -2.37 24.66 21.54
C GLU C 133 -3.31 25.52 22.38
N GLY C 134 -4.38 24.92 22.87
CA GLY C 134 -5.30 25.67 23.70
C GLY C 134 -4.64 26.27 24.94
N ASN C 135 -3.78 25.49 25.59
CA ASN C 135 -3.06 25.92 26.78
C ASN C 135 -2.16 27.13 26.44
N LEU C 136 -1.31 26.96 25.42
CA LEU C 136 -0.39 28.01 25.02
C LEU C 136 -1.05 29.32 24.58
N ASN C 137 -2.38 29.38 24.57
CA ASN C 137 -3.09 30.58 24.16
C ASN C 137 -4.15 30.91 25.20
N GLY C 138 -3.92 30.45 26.41
CA GLY C 138 -4.85 30.76 27.47
C GLY C 138 -6.30 30.55 27.17
N GLU C 139 -6.61 29.56 26.34
CA GLU C 139 -8.01 29.27 26.07
C GLU C 139 -8.49 28.41 27.25
N TRP C 140 -7.55 27.71 27.87
CA TRP C 140 -7.83 26.86 29.02
C TRP C 140 -6.48 26.47 29.53
N SER C 141 -6.46 25.72 30.63
CA SER C 141 -5.20 25.27 31.19
C SER C 141 -5.46 23.83 31.62
N ILE C 142 -4.88 22.88 30.91
CA ILE C 142 -5.14 21.50 31.27
C ILE C 142 -3.77 20.95 31.62
N ASN C 143 -3.68 20.21 32.72
CA ASN C 143 -2.36 19.68 33.06
C ASN C 143 -2.19 18.22 32.67
N ASP C 144 -3.29 17.58 32.28
CA ASP C 144 -3.29 16.18 31.88
C ASP C 144 -3.73 16.03 30.42
N VAL C 145 -3.07 16.75 29.55
CA VAL C 145 -3.40 16.75 28.14
C VAL C 145 -3.58 15.39 27.52
N ASN C 146 -2.63 14.50 27.69
CA ASN C 146 -2.80 13.18 27.12
C ASN C 146 -4.09 12.57 27.60
N ALA C 147 -4.42 12.85 28.85
CA ALA C 147 -5.58 12.24 29.42
C ALA C 147 -6.89 12.84 28.94
N VAL C 148 -7.02 14.14 29.02
CA VAL C 148 -8.25 14.74 28.55
C VAL C 148 -8.45 14.36 27.06
N SER C 149 -7.36 14.24 26.31
CA SER C 149 -7.41 13.85 24.94
C SER C 149 -7.99 12.44 24.74
N LYS C 150 -7.55 11.47 25.54
CA LYS C 150 -8.08 10.13 25.36
C LYS C 150 -9.56 10.14 25.68
N ILE C 151 -9.92 10.97 26.65
CA ILE C 151 -11.30 11.04 27.07
C ILE C 151 -12.19 11.66 26.02
N ALA C 152 -11.79 12.83 25.52
CA ALA C 152 -12.55 13.50 24.46
C ALA C 152 -12.72 12.54 23.27
N ALA C 153 -11.65 11.89 22.86
CA ALA C 153 -11.72 11.02 21.71
C ALA C 153 -12.76 9.93 21.82
N ASN C 154 -12.72 9.16 22.91
CA ASN C 154 -13.68 8.08 23.13
C ASN C 154 -15.12 8.54 23.51
N ALA C 155 -15.22 9.67 24.18
CA ALA C 155 -16.52 10.19 24.54
C ALA C 155 -17.22 10.60 23.22
N VAL C 156 -16.53 11.40 22.41
CA VAL C 156 -17.06 11.82 21.11
C VAL C 156 -17.43 10.58 20.27
N ASN C 157 -16.54 9.63 20.29
CA ASN C 157 -16.72 8.38 19.61
C ASN C 157 -17.99 7.66 19.97
N GLY C 158 -18.32 7.71 21.26
CA GLY C 158 -19.52 7.03 21.70
C GLY C 158 -20.73 7.78 21.19
N ILE C 159 -20.65 9.11 21.22
CA ILE C 159 -21.73 9.93 20.75
C ILE C 159 -21.97 9.68 19.25
N VAL C 160 -20.91 9.48 18.48
CA VAL C 160 -21.01 9.22 17.05
C VAL C 160 -21.58 7.84 16.76
N THR C 161 -21.11 6.83 17.49
CA THR C 161 -21.49 5.42 17.32
C THR C 161 -22.82 4.90 17.86
N PHE C 162 -23.23 5.45 19.00
CA PHE C 162 -24.41 4.97 19.72
C PHE C 162 -25.67 5.82 19.60
N THR C 163 -25.55 6.96 18.94
CA THR C 163 -26.71 7.78 18.76
C THR C 163 -27.44 7.36 17.48
N HIS C 164 -26.74 6.64 16.60
CA HIS C 164 -27.23 6.18 15.28
C HIS C 164 -28.74 5.89 15.01
N GLU C 165 -29.62 6.22 15.96
CA GLU C 165 -31.05 6.06 15.76
C GLU C 165 -31.74 7.38 16.16
N GLN C 166 -31.39 8.44 15.43
CA GLN C 166 -31.95 9.78 15.64
C GLN C 166 -31.68 10.59 14.36
N ASN C 167 -32.58 11.50 13.98
CA ASN C 167 -32.38 12.34 12.78
C ASN C 167 -31.10 13.24 12.93
N ILE C 168 -30.34 13.34 11.85
CA ILE C 168 -29.06 14.03 11.83
C ILE C 168 -28.90 15.40 12.50
N ASN C 169 -29.90 16.25 12.45
CA ASN C 169 -29.74 17.55 13.09
C ASN C 169 -29.78 17.40 14.61
N GLU C 170 -30.56 16.44 15.07
CA GLU C 170 -30.65 16.18 16.49
C GLU C 170 -29.23 15.77 16.97
N ARG C 171 -28.64 14.76 16.32
CA ARG C 171 -27.30 14.31 16.64
C ARG C 171 -26.28 15.44 16.63
N ILE C 172 -26.37 16.33 15.64
CA ILE C 172 -25.41 17.44 15.58
C ILE C 172 -25.70 18.38 16.73
N LYS C 173 -26.97 18.50 17.09
CA LYS C 173 -27.35 19.37 18.20
C LYS C 173 -26.71 18.79 19.48
N LEU C 174 -26.90 17.48 19.69
CA LEU C 174 -26.34 16.82 20.85
C LEU C 174 -24.82 16.88 20.87
N MET C 175 -24.18 16.71 19.71
CA MET C 175 -22.73 16.74 19.68
C MET C 175 -22.24 18.12 20.09
N ASN C 176 -22.88 19.15 19.56
CA ASN C 176 -22.45 20.50 19.91
C ASN C 176 -22.72 20.79 21.37
N LYS C 177 -23.82 20.29 21.89
CA LYS C 177 -24.12 20.50 23.29
C LYS C 177 -22.97 19.83 24.09
N PHE C 178 -22.65 18.60 23.73
CA PHE C 178 -21.55 17.95 24.38
C PHE C 178 -20.27 18.81 24.35
N SER C 179 -19.92 19.36 23.21
CA SER C 179 -18.70 20.12 23.18
C SER C 179 -18.77 21.32 24.07
N GLN C 180 -19.96 21.85 24.22
CA GLN C 180 -20.12 23.01 25.05
C GLN C 180 -19.86 22.62 26.49
N ILE C 181 -20.60 21.63 26.99
CA ILE C 181 -20.42 21.15 28.36
C ILE C 181 -18.95 20.80 28.63
N PHE C 182 -18.41 19.89 27.83
CA PHE C 182 -17.05 19.45 28.01
C PHE C 182 -16.03 20.59 28.06
N LEU C 183 -16.17 21.55 27.18
CA LEU C 183 -15.23 22.66 27.13
C LEU C 183 -15.48 23.58 28.34
N ASN C 184 -16.69 23.53 28.87
CA ASN C 184 -17.02 24.36 30.01
C ASN C 184 -16.37 23.76 31.27
N GLY C 185 -16.42 22.42 31.39
CA GLY C 185 -15.80 21.81 32.54
C GLY C 185 -14.28 21.88 32.57
N LEU C 186 -13.64 22.55 31.63
CA LEU C 186 -12.18 22.61 31.65
C LEU C 186 -11.70 23.96 32.17
N SER C 187 -12.56 24.95 32.02
CA SER C 187 -12.28 26.32 32.46
C SER C 187 -12.32 26.50 33.97
N ASN D 2 2.96 -24.11 2.31
CA ASN D 2 3.41 -23.26 1.19
C ASN D 2 4.58 -22.33 1.59
N LEU D 3 5.36 -22.72 2.60
CA LEU D 3 6.54 -21.94 3.00
C LEU D 3 7.39 -21.83 1.73
N LYS D 4 7.28 -22.84 0.87
CA LYS D 4 8.02 -22.84 -0.39
C LYS D 4 7.53 -21.62 -1.19
N ASP D 5 6.21 -21.54 -1.35
CA ASP D 5 5.60 -20.45 -2.08
C ASP D 5 5.87 -19.08 -1.46
N LYS D 6 5.95 -19.00 -0.13
CA LYS D 6 6.26 -17.72 0.52
C LYS D 6 7.67 -17.23 0.15
N ILE D 7 8.62 -18.17 0.09
CA ILE D 7 10.02 -17.88 -0.22
C ILE D 7 10.11 -17.44 -1.65
N LEU D 8 9.50 -18.24 -2.53
CA LEU D 8 9.52 -17.89 -3.95
C LEU D 8 8.95 -16.48 -4.17
N GLY D 9 7.80 -16.19 -3.55
CA GLY D 9 7.19 -14.89 -3.73
C GLY D 9 7.97 -13.74 -3.14
N VAL D 10 8.45 -13.94 -1.94
CA VAL D 10 9.21 -12.87 -1.30
C VAL D 10 10.51 -12.63 -2.04
N ALA D 11 11.16 -13.72 -2.43
CA ALA D 11 12.43 -13.58 -3.13
C ALA D 11 12.21 -12.89 -4.49
N LYS D 12 11.16 -13.27 -5.22
CA LYS D 12 10.93 -12.63 -6.51
C LYS D 12 10.88 -11.11 -6.34
N GLU D 13 10.20 -10.66 -5.29
CA GLU D 13 10.07 -9.23 -5.03
C GLU D 13 11.40 -8.63 -4.65
N LEU D 14 12.14 -9.29 -3.78
CA LEU D 14 13.44 -8.74 -3.38
C LEU D 14 14.33 -8.64 -4.59
N PHE D 15 14.36 -9.70 -5.39
CA PHE D 15 15.17 -9.64 -6.59
C PHE D 15 14.72 -8.45 -7.45
N ILE D 16 13.39 -8.26 -7.62
CA ILE D 16 12.90 -7.14 -8.41
C ILE D 16 13.35 -5.83 -7.80
N LYS D 17 13.15 -5.69 -6.51
CA LYS D 17 13.50 -4.43 -5.85
C LYS D 17 14.99 -4.14 -5.73
N ASN D 18 15.78 -5.16 -5.38
CA ASN D 18 17.20 -4.95 -5.12
C ASN D 18 18.21 -5.36 -6.17
N GLY D 19 17.84 -6.34 -6.99
CA GLY D 19 18.77 -6.83 -7.97
C GLY D 19 19.17 -8.17 -7.37
N TYR D 20 20.04 -8.89 -8.07
CA TYR D 20 20.44 -10.21 -7.62
C TYR D 20 21.54 -10.22 -6.55
N ASN D 21 22.43 -9.25 -6.62
CA ASN D 21 23.53 -9.21 -5.68
C ASN D 21 23.19 -8.82 -4.26
N ALA D 22 22.39 -7.77 -4.13
CA ALA D 22 22.06 -7.27 -2.82
C ALA D 22 21.05 -8.12 -2.08
N THR D 23 20.44 -9.07 -2.78
CA THR D 23 19.42 -9.90 -2.14
C THR D 23 20.06 -11.09 -1.49
N THR D 24 19.95 -11.17 -0.18
CA THR D 24 20.56 -12.29 0.51
C THR D 24 19.56 -13.29 1.02
N THR D 25 20.02 -14.51 1.10
CA THR D 25 19.25 -15.64 1.57
C THR D 25 18.58 -15.30 2.92
N GLY D 26 19.29 -14.62 3.82
CA GLY D 26 18.72 -14.28 5.12
C GLY D 26 17.64 -13.23 5.11
N GLU D 27 17.81 -12.27 4.22
CA GLU D 27 16.82 -11.23 4.06
C GLU D 27 15.57 -11.90 3.49
N ILE D 28 15.76 -12.81 2.54
CA ILE D 28 14.62 -13.51 1.96
C ILE D 28 13.88 -14.19 3.10
N VAL D 29 14.57 -15.12 3.71
CA VAL D 29 14.07 -15.95 4.80
C VAL D 29 13.38 -15.21 5.95
N LYS D 30 13.93 -14.06 6.34
CA LYS D 30 13.29 -13.25 7.38
C LYS D 30 11.87 -12.84 6.91
N LEU D 31 11.79 -12.09 5.81
CA LEU D 31 10.50 -11.66 5.29
C LEU D 31 9.54 -12.79 4.96
N SER D 32 10.04 -14.02 4.82
CA SER D 32 9.12 -15.13 4.53
C SER D 32 8.73 -15.95 5.76
N GLU D 33 9.13 -15.47 6.94
CA GLU D 33 8.85 -16.16 8.20
C GLU D 33 9.29 -17.62 8.05
N SER D 34 10.53 -17.78 7.63
CA SER D 34 11.08 -19.10 7.38
C SER D 34 12.47 -19.11 7.99
N SER D 35 13.25 -20.14 7.62
CA SER D 35 14.64 -20.28 8.09
C SER D 35 15.53 -20.72 6.91
N LYS D 36 16.78 -20.24 6.94
CA LYS D 36 17.78 -20.58 5.91
C LYS D 36 17.76 -22.08 5.84
N GLY D 37 17.69 -22.69 7.03
CA GLY D 37 17.63 -24.14 7.11
C GLY D 37 16.59 -24.58 6.10
N ASN D 38 15.36 -24.11 6.33
CA ASN D 38 14.25 -24.45 5.45
C ASN D 38 14.44 -23.96 3.99
N LEU D 39 14.96 -22.76 3.79
CA LEU D 39 15.15 -22.31 2.42
C LEU D 39 16.09 -23.24 1.70
N TYR D 40 17.25 -23.48 2.32
CA TYR D 40 18.29 -24.34 1.74
C TYR D 40 17.83 -25.74 1.46
N TYR D 41 16.92 -26.24 2.28
CA TYR D 41 16.35 -27.56 2.04
C TYR D 41 15.50 -27.52 0.75
N HIS D 42 14.57 -26.56 0.66
CA HIS D 42 13.66 -26.42 -0.50
C HIS D 42 14.35 -26.06 -1.81
N PHE D 43 15.38 -25.23 -1.69
CA PHE D 43 16.16 -24.80 -2.84
C PHE D 43 17.61 -25.09 -2.40
N LYS D 44 18.39 -25.72 -3.27
CA LYS D 44 19.75 -26.06 -2.89
C LYS D 44 20.52 -24.78 -2.55
N THR D 45 20.46 -23.82 -3.47
CA THR D 45 21.18 -22.56 -3.32
C THR D 45 20.35 -21.33 -3.71
N LYS D 46 20.94 -20.15 -3.49
CA LYS D 46 20.25 -18.92 -3.85
C LYS D 46 20.15 -18.90 -5.37
N GLU D 47 21.21 -19.41 -5.99
CA GLU D 47 21.30 -19.48 -7.42
C GLU D 47 20.20 -20.36 -8.03
N ASN D 48 19.89 -21.49 -7.40
CA ASN D 48 18.89 -22.43 -7.91
C ASN D 48 17.51 -21.85 -7.64
N LEU D 49 17.38 -21.16 -6.52
CA LEU D 49 16.15 -20.50 -6.18
C LEU D 49 15.81 -19.54 -7.32
N PHE D 50 16.76 -18.68 -7.63
CA PHE D 50 16.60 -17.68 -8.66
C PHE D 50 16.20 -18.30 -9.98
N LEU D 51 16.91 -19.35 -10.34
CA LEU D 51 16.65 -20.08 -11.56
C LEU D 51 15.20 -20.64 -11.58
N GLU D 52 14.69 -21.14 -10.46
CA GLU D 52 13.32 -21.60 -10.45
C GLU D 52 12.36 -20.44 -10.62
N ILE D 53 12.72 -19.29 -10.05
CA ILE D 53 11.87 -18.15 -10.19
C ILE D 53 11.79 -17.79 -11.66
N LEU D 54 12.94 -17.76 -12.33
CA LEU D 54 13.00 -17.45 -13.76
C LEU D 54 12.12 -18.42 -14.54
N ASN D 55 12.13 -19.67 -14.14
CA ASN D 55 11.34 -20.67 -14.83
C ASN D 55 9.86 -20.39 -14.78
N ILE D 56 9.36 -20.13 -13.58
CA ILE D 56 7.96 -19.82 -13.37
C ILE D 56 7.62 -18.53 -14.13
N GLU D 57 8.53 -17.57 -14.09
CA GLU D 57 8.30 -16.30 -14.80
C GLU D 57 8.14 -16.49 -16.31
N GLU D 58 9.05 -17.18 -16.99
CA GLU D 58 8.87 -17.30 -18.45
C GLU D 58 7.63 -18.11 -18.76
N SER D 59 7.33 -19.06 -17.89
CA SER D 59 6.16 -19.88 -18.11
C SER D 59 4.84 -19.05 -17.95
N LYS D 60 4.76 -18.24 -16.90
CA LYS D 60 3.56 -17.44 -16.71
C LYS D 60 3.38 -16.49 -17.90
N TRP D 61 4.49 -15.91 -18.37
CA TRP D 61 4.46 -14.99 -19.51
C TRP D 61 4.10 -15.73 -20.80
N GLN D 62 4.47 -17.00 -20.87
CA GLN D 62 4.18 -17.81 -22.04
C GLN D 62 2.66 -18.00 -22.07
N GLU D 63 2.11 -18.50 -20.98
CA GLU D 63 0.70 -18.74 -20.89
C GLU D 63 -0.13 -17.50 -21.23
N GLN D 64 0.30 -16.36 -20.71
CA GLN D 64 -0.39 -15.10 -20.91
C GLN D 64 -0.34 -14.58 -22.34
N TRP D 65 0.74 -14.85 -23.06
CA TRP D 65 0.86 -14.42 -24.46
C TRP D 65 -0.05 -15.32 -25.27
N LYS D 66 -0.13 -16.58 -24.86
CA LYS D 66 -0.92 -17.57 -25.53
C LYS D 66 -2.40 -17.15 -25.54
N LYS D 67 -2.84 -16.60 -24.43
CA LYS D 67 -4.21 -16.16 -24.32
C LYS D 67 -4.43 -14.81 -24.98
N GLU D 68 -3.39 -14.01 -25.02
CA GLU D 68 -3.51 -12.68 -25.55
C GLU D 68 -3.32 -12.56 -27.07
N GLN D 69 -2.52 -13.43 -27.67
CA GLN D 69 -2.27 -13.30 -29.09
C GLN D 69 -3.50 -13.53 -29.98
N ILE D 70 -4.48 -14.26 -29.46
CA ILE D 70 -5.69 -14.51 -30.23
C ILE D 70 -6.34 -13.19 -30.60
N LYS D 71 -6.30 -12.24 -29.67
CA LYS D 71 -6.89 -10.92 -29.83
C LYS D 71 -6.38 -10.16 -31.03
N ALA D 72 -5.31 -10.66 -31.64
CA ALA D 72 -4.76 -9.99 -32.81
C ALA D 72 -4.87 -10.88 -34.06
N LYS D 73 -5.41 -10.29 -35.11
CA LYS D 73 -5.65 -10.93 -36.41
C LYS D 73 -4.33 -11.26 -37.12
N THR D 74 -3.66 -10.22 -37.59
CA THR D 74 -2.40 -10.35 -38.32
C THR D 74 -1.19 -10.38 -37.40
N ASN D 75 -0.04 -10.71 -37.98
CA ASN D 75 1.19 -10.76 -37.23
C ASN D 75 1.65 -9.35 -36.99
N ARG D 76 1.40 -8.46 -37.95
CA ARG D 76 1.75 -7.04 -37.80
C ARG D 76 1.19 -6.70 -36.41
N GLU D 77 -0.08 -7.04 -36.21
CA GLU D 77 -0.79 -6.77 -34.97
C GLU D 77 -0.14 -7.49 -33.78
N LYS D 78 0.08 -8.79 -33.91
CA LYS D 78 0.71 -9.52 -32.84
C LYS D 78 2.04 -8.84 -32.41
N PHE D 79 2.79 -8.33 -33.37
CA PHE D 79 4.04 -7.64 -33.01
C PHE D 79 3.71 -6.45 -32.11
N TYR D 80 2.78 -5.61 -32.56
CA TYR D 80 2.33 -4.42 -31.82
C TYR D 80 1.83 -4.80 -30.42
N LEU D 81 0.90 -5.74 -30.37
CA LEU D 81 0.31 -6.16 -29.13
C LEU D 81 1.38 -6.64 -28.16
N TYR D 82 2.18 -7.63 -28.56
CA TYR D 82 3.23 -8.14 -27.68
C TYR D 82 4.18 -7.09 -27.07
N ASN D 83 4.64 -6.12 -27.84
CA ASN D 83 5.58 -5.14 -27.32
C ASN D 83 4.85 -4.24 -26.34
N GLU D 84 3.53 -4.20 -26.46
CA GLU D 84 2.71 -3.34 -25.61
C GLU D 84 2.56 -4.05 -24.28
N LEU D 85 2.22 -5.32 -24.35
CA LEU D 85 2.06 -6.12 -23.17
C LEU D 85 3.34 -6.15 -22.36
N SER D 86 4.48 -6.12 -23.04
CA SER D 86 5.76 -6.19 -22.36
C SER D 86 5.86 -5.06 -21.38
N LEU D 87 5.24 -3.93 -21.74
CA LEU D 87 5.24 -2.75 -20.90
C LEU D 87 4.36 -2.91 -19.64
N THR D 88 3.34 -3.75 -19.72
CA THR D 88 2.41 -3.87 -18.63
C THR D 88 2.44 -5.19 -17.88
N THR D 89 3.07 -6.22 -18.40
CA THR D 89 3.00 -7.45 -17.65
C THR D 89 3.84 -7.41 -16.34
N GLU D 90 3.49 -8.28 -15.41
CA GLU D 90 4.21 -8.29 -14.18
C GLU D 90 5.19 -9.45 -14.29
N TYR D 91 5.22 -10.10 -15.44
CA TYR D 91 6.13 -11.23 -15.63
C TYR D 91 7.38 -10.95 -16.44
N TYR D 92 8.47 -11.51 -15.90
CA TYR D 92 9.77 -11.44 -16.50
C TYR D 92 10.44 -10.09 -16.57
N TYR D 93 9.87 -9.13 -17.29
CA TYR D 93 10.51 -7.83 -17.46
C TYR D 93 10.89 -7.09 -16.19
N PRO D 94 10.09 -7.23 -15.15
CA PRO D 94 10.48 -6.50 -13.92
C PRO D 94 11.80 -7.02 -13.28
N LEU D 95 12.23 -8.21 -13.68
CA LEU D 95 13.44 -8.88 -13.17
C LEU D 95 14.65 -8.80 -14.07
N GLN D 96 14.60 -8.02 -15.13
CA GLN D 96 15.70 -7.95 -16.07
C GLN D 96 17.02 -7.66 -15.41
N ASN D 97 17.02 -6.57 -14.66
CA ASN D 97 18.20 -6.17 -13.99
C ASN D 97 18.81 -7.36 -13.26
N ALA D 98 18.09 -7.96 -12.34
CA ALA D 98 18.60 -9.11 -11.62
C ALA D 98 19.05 -10.24 -12.58
N ILE D 99 18.40 -10.36 -13.73
CA ILE D 99 18.78 -11.41 -14.64
C ILE D 99 20.12 -11.10 -15.28
N ILE D 100 20.39 -9.84 -15.60
CA ILE D 100 21.68 -9.53 -16.20
C ILE D 100 22.80 -9.80 -15.22
N GLU D 101 22.63 -9.30 -14.00
CA GLU D 101 23.62 -9.50 -12.96
C GLU D 101 23.90 -10.97 -12.80
N PHE D 102 22.84 -11.75 -12.68
CA PHE D 102 22.97 -13.19 -12.49
C PHE D 102 23.76 -13.79 -13.62
N TYR D 103 23.39 -13.40 -14.83
CA TYR D 103 24.05 -13.88 -16.01
C TYR D 103 25.53 -13.48 -16.08
N THR D 104 25.89 -12.23 -15.79
CA THR D 104 27.32 -11.91 -15.87
C THR D 104 28.05 -12.77 -14.82
N GLU D 105 27.37 -13.08 -13.72
CA GLU D 105 27.97 -13.87 -12.66
C GLU D 105 28.02 -15.38 -12.87
N TYR D 106 27.26 -15.92 -13.82
CA TYR D 106 27.29 -17.36 -14.00
C TYR D 106 27.36 -17.82 -15.43
N TYR D 107 27.68 -16.93 -16.38
CA TYR D 107 27.69 -17.40 -17.76
C TYR D 107 28.83 -18.37 -18.01
N LYS D 108 29.83 -18.35 -17.13
CA LYS D 108 30.97 -19.26 -17.26
C LYS D 108 30.58 -20.66 -16.78
N THR D 109 29.83 -20.75 -15.67
CA THR D 109 29.36 -22.06 -15.19
C THR D 109 28.48 -22.61 -16.32
N ASN D 110 28.74 -23.84 -16.75
CA ASN D 110 28.01 -24.44 -17.87
C ASN D 110 26.54 -24.88 -17.68
N SER D 111 26.25 -25.66 -16.65
CA SER D 111 24.87 -26.10 -16.44
C SER D 111 23.95 -24.89 -16.33
N ILE D 112 24.40 -23.89 -15.55
CA ILE D 112 23.65 -22.66 -15.35
C ILE D 112 23.52 -21.94 -16.69
N ASN D 113 24.61 -21.85 -17.43
CA ASN D 113 24.60 -21.19 -18.72
C ASN D 113 23.66 -21.86 -19.75
N GLU D 114 23.49 -23.17 -19.67
CA GLU D 114 22.62 -23.86 -20.60
C GLU D 114 21.15 -23.62 -20.28
N LYS D 115 20.82 -23.72 -18.99
CA LYS D 115 19.46 -23.52 -18.54
C LYS D 115 19.09 -22.07 -18.94
N MET D 116 20.08 -21.21 -18.82
CA MET D 116 19.92 -19.82 -19.11
C MET D 116 19.59 -19.60 -20.60
N ASN D 117 20.33 -20.24 -21.48
CA ASN D 117 20.06 -20.06 -22.91
C ASN D 117 18.74 -20.69 -23.35
N LYS D 118 18.35 -21.78 -22.70
CA LYS D 118 17.08 -22.42 -23.01
C LYS D 118 15.99 -21.33 -22.81
N LEU D 119 16.03 -20.70 -21.63
CA LEU D 119 15.07 -19.65 -21.31
C LEU D 119 15.17 -18.50 -22.32
N GLU D 120 16.38 -18.01 -22.57
CA GLU D 120 16.61 -16.91 -23.50
C GLU D 120 15.99 -17.23 -24.84
N ASN D 121 16.17 -18.45 -25.28
CA ASN D 121 15.62 -18.84 -26.55
C ASN D 121 14.10 -18.75 -26.60
N LYS D 122 13.46 -19.01 -25.47
CA LYS D 122 12.01 -18.91 -25.42
C LYS D 122 11.61 -17.43 -25.44
N TYR D 123 12.26 -16.62 -24.61
CA TYR D 123 12.00 -15.19 -24.56
C TYR D 123 12.22 -14.59 -25.96
N ILE D 124 12.71 -15.39 -26.91
CA ILE D 124 12.96 -14.94 -28.29
C ILE D 124 12.04 -15.69 -29.28
N ASP D 125 11.67 -16.90 -28.93
CA ASP D 125 10.81 -17.69 -29.81
C ASP D 125 9.55 -16.93 -30.19
N ALA D 126 8.97 -16.19 -29.25
CA ALA D 126 7.76 -15.47 -29.58
C ALA D 126 7.96 -14.55 -30.76
N TYR D 127 9.07 -13.84 -30.78
CA TYR D 127 9.35 -12.94 -31.91
C TYR D 127 9.65 -13.78 -33.16
N HIS D 128 10.29 -14.91 -32.95
CA HIS D 128 10.66 -15.84 -34.03
C HIS D 128 9.39 -16.31 -34.75
N VAL D 129 8.44 -16.81 -33.96
CA VAL D 129 7.16 -17.26 -34.49
C VAL D 129 6.43 -16.19 -35.28
N ILE D 130 6.34 -15.00 -34.72
CA ILE D 130 5.66 -13.89 -35.40
C ILE D 130 6.34 -13.53 -36.76
N PHE D 131 7.66 -13.47 -36.77
CA PHE D 131 8.36 -13.11 -37.98
C PHE D 131 8.33 -14.21 -39.00
N LYS D 132 8.48 -15.45 -38.56
CA LYS D 132 8.39 -16.57 -39.47
C LYS D 132 6.98 -16.57 -40.06
N GLU D 133 5.99 -16.81 -39.20
CA GLU D 133 4.57 -16.88 -39.58
C GLU D 133 4.11 -15.71 -40.42
N GLY D 134 4.77 -14.57 -40.25
CA GLY D 134 4.40 -13.40 -41.03
C GLY D 134 4.90 -13.58 -42.45
N ASN D 135 6.08 -14.17 -42.60
CA ASN D 135 6.69 -14.42 -43.90
C ASN D 135 5.70 -15.19 -44.78
N LEU D 136 5.29 -16.37 -44.31
CA LEU D 136 4.37 -17.20 -45.05
C LEU D 136 2.92 -16.70 -44.98
N ASN D 137 2.77 -15.39 -44.97
CA ASN D 137 1.48 -14.71 -44.92
C ASN D 137 1.72 -13.37 -45.62
N GLY D 138 2.93 -13.27 -46.15
CA GLY D 138 3.35 -12.09 -46.87
C GLY D 138 3.13 -10.77 -46.18
N GLU D 139 3.33 -10.73 -44.87
CA GLU D 139 3.15 -9.50 -44.14
C GLU D 139 4.46 -8.77 -44.35
N TRP D 140 5.46 -9.55 -44.70
CA TRP D 140 6.79 -9.01 -44.94
C TRP D 140 7.67 -10.10 -45.52
N SER D 141 8.94 -9.76 -45.66
CA SER D 141 9.95 -10.69 -46.17
C SER D 141 11.17 -10.42 -45.34
N ILE D 142 11.65 -11.44 -44.62
CA ILE D 142 12.82 -11.22 -43.77
C ILE D 142 14.01 -12.13 -44.01
N ASN D 143 15.17 -11.51 -44.10
CA ASN D 143 16.46 -12.17 -44.29
C ASN D 143 16.61 -13.33 -43.29
N ASP D 144 17.18 -13.00 -42.12
CA ASP D 144 17.40 -13.97 -41.04
C ASP D 144 16.40 -13.65 -39.94
N VAL D 145 15.51 -14.60 -39.68
CA VAL D 145 14.49 -14.45 -38.67
C VAL D 145 15.08 -14.54 -37.26
N ASN D 146 16.05 -15.42 -37.06
CA ASN D 146 16.67 -15.58 -35.74
C ASN D 146 17.36 -14.29 -35.33
N ALA D 147 17.94 -13.60 -36.30
CA ALA D 147 18.64 -12.38 -35.99
C ALA D 147 17.70 -11.27 -35.58
N VAL D 148 16.75 -11.00 -36.45
CA VAL D 148 15.76 -9.95 -36.26
C VAL D 148 14.99 -10.17 -34.94
N SER D 149 14.82 -11.42 -34.55
CA SER D 149 14.15 -11.74 -33.32
C SER D 149 14.99 -11.37 -32.08
N LYS D 150 16.32 -11.49 -32.20
CA LYS D 150 17.22 -11.15 -31.10
C LYS D 150 17.18 -9.63 -30.99
N ILE D 151 17.17 -8.96 -32.14
CA ILE D 151 17.15 -7.51 -32.14
C ILE D 151 15.83 -6.97 -31.53
N ALA D 152 14.70 -7.40 -32.05
CA ALA D 152 13.42 -6.96 -31.53
C ALA D 152 13.38 -7.13 -29.99
N ALA D 153 13.60 -8.36 -29.53
CA ALA D 153 13.56 -8.68 -28.10
C ALA D 153 14.35 -7.75 -27.23
N ASN D 154 15.60 -7.50 -27.62
CA ASN D 154 16.47 -6.66 -26.83
C ASN D 154 16.13 -5.21 -26.99
N ALA D 155 15.67 -4.84 -28.18
CA ALA D 155 15.30 -3.46 -28.40
C ALA D 155 14.07 -3.19 -27.55
N VAL D 156 13.07 -4.05 -27.67
CA VAL D 156 11.85 -3.87 -26.90
C VAL D 156 12.11 -3.93 -25.39
N ASN D 157 13.01 -4.81 -25.00
CA ASN D 157 13.38 -4.98 -23.62
C ASN D 157 14.03 -3.72 -23.08
N GLY D 158 14.66 -2.94 -23.92
CA GLY D 158 15.29 -1.75 -23.43
C GLY D 158 14.32 -0.59 -23.39
N ILE D 159 13.24 -0.67 -24.16
CA ILE D 159 12.25 0.40 -24.14
C ILE D 159 11.56 0.19 -22.80
N VAL D 160 11.24 -1.06 -22.51
CA VAL D 160 10.59 -1.41 -21.29
C VAL D 160 11.42 -1.06 -20.05
N THR D 161 12.61 -1.65 -19.90
CA THR D 161 13.40 -1.35 -18.72
C THR D 161 14.05 0.03 -18.61
N PHE D 162 13.98 0.86 -19.64
CA PHE D 162 14.56 2.21 -19.55
C PHE D 162 13.56 3.37 -19.71
N THR D 163 12.28 3.11 -19.49
CA THR D 163 11.24 4.14 -19.54
C THR D 163 10.36 3.78 -18.32
N HIS D 164 10.81 2.78 -17.57
CA HIS D 164 10.09 2.26 -16.40
C HIS D 164 9.52 3.28 -15.40
N GLU D 165 9.87 4.55 -15.53
CA GLU D 165 9.33 5.56 -14.62
C GLU D 165 8.43 6.57 -15.31
N GLN D 166 8.48 6.61 -16.64
CA GLN D 166 7.60 7.51 -17.37
C GLN D 166 6.21 6.95 -17.08
N ASN D 167 5.18 7.67 -17.51
CA ASN D 167 3.79 7.23 -17.26
C ASN D 167 3.35 6.21 -18.31
N ILE D 168 2.61 5.19 -17.89
CA ILE D 168 2.18 4.12 -18.78
C ILE D 168 1.56 4.44 -20.13
N ASN D 169 0.85 5.55 -20.21
CA ASN D 169 0.21 5.82 -21.47
C ASN D 169 1.21 6.35 -22.48
N GLU D 170 2.21 7.09 -22.02
CA GLU D 170 3.22 7.59 -22.93
C GLU D 170 4.20 6.45 -23.27
N ARG D 171 4.47 5.55 -22.32
CA ARG D 171 5.35 4.42 -22.57
C ARG D 171 4.71 3.68 -23.77
N ILE D 172 3.42 3.41 -23.67
CA ILE D 172 2.72 2.72 -24.75
C ILE D 172 2.79 3.51 -26.08
N LYS D 173 2.84 4.82 -25.97
CA LYS D 173 2.91 5.66 -27.16
C LYS D 173 4.26 5.45 -27.82
N LEU D 174 5.35 5.56 -27.05
CA LEU D 174 6.70 5.34 -27.57
C LEU D 174 6.82 3.93 -28.18
N MET D 175 6.35 2.93 -27.45
CA MET D 175 6.41 1.56 -27.93
C MET D 175 5.70 1.33 -29.27
N ASN D 176 4.57 2.00 -29.49
CA ASN D 176 3.85 1.80 -30.74
C ASN D 176 4.61 2.45 -31.87
N LYS D 177 5.21 3.60 -31.60
CA LYS D 177 5.98 4.28 -32.63
C LYS D 177 7.12 3.31 -32.97
N PHE D 178 7.81 2.80 -31.95
CA PHE D 178 8.89 1.87 -32.19
C PHE D 178 8.40 0.70 -33.02
N SER D 179 7.26 0.14 -32.71
CA SER D 179 6.84 -1.01 -33.49
C SER D 179 6.53 -0.63 -34.93
N GLN D 180 6.15 0.61 -35.13
CA GLN D 180 5.79 1.09 -36.44
C GLN D 180 7.06 1.24 -37.24
N ILE D 181 7.95 2.09 -36.74
CA ILE D 181 9.21 2.33 -37.41
C ILE D 181 9.88 1.02 -37.74
N PHE D 182 9.87 0.11 -36.78
CA PHE D 182 10.53 -1.18 -36.96
C PHE D 182 9.89 -2.04 -38.00
N LEU D 183 8.59 -2.20 -37.89
CA LEU D 183 7.89 -3.02 -38.85
C LEU D 183 8.08 -2.39 -40.21
N ASN D 184 8.20 -1.08 -40.25
CA ASN D 184 8.37 -0.41 -41.51
C ASN D 184 9.68 -0.83 -42.18
N GLY D 185 10.77 -0.78 -41.41
CA GLY D 185 12.09 -1.13 -41.88
C GLY D 185 12.27 -2.50 -42.51
N LEU D 186 11.24 -3.33 -42.48
CA LEU D 186 11.31 -4.64 -43.10
C LEU D 186 10.57 -4.54 -44.46
N SER D 187 11.25 -4.74 -45.59
CA SER D 187 10.54 -4.63 -46.87
C SER D 187 9.47 -5.73 -47.03
#